data_3KVN
#
_entry.id   3KVN
#
_cell.length_a   143.826
_cell.length_b   143.826
_cell.length_c   186.883
_cell.angle_alpha   90.00
_cell.angle_beta   90.00
_cell.angle_gamma   90.00
#
_symmetry.space_group_name_H-M   'P 4 21 2'
#
loop_
_entity.id
_entity.type
_entity.pdbx_description
1 polymer 'Esterase estA'
2 non-polymer (HYDROXYETHYLOXY)TRI(ETHYLOXY)OCTANE
3 water water
#
_entity_poly.entity_id   1
_entity_poly.type   'polypeptide(L)'
_entity_poly.pdbx_seq_one_letter_code
;MHHHHHHHLEAPSPYSTLVVFGDSLSDAGQFPDPAGPAGSTSRFTNRVGPTYQNGSGEIFGPTAPMLLGNQLGIAPGDLA
ASTSPVNAQQGIADGNNWAVGGYRTDQIYDSITAANGSLIERDNTLLRSRDGYLVDRARQGLGADPNALYYITGGGNDFL
QGRILNDVQAQQAAGRLVDSVQALQQAGARYIVVWLLPDLGLTPATFGGPLQPFASQLSGTFNAELTAQLSQAGANVIPL
NIPLLLKEGMANPASFGLAADQNLIGTCFSGNGCTMNPTYGINGSTPDPSKLLFNDSVHPTITGQRLIADYTYSLLSAPW
ELTLLPEMAHGTLRAYQDELRSQWQADWENWQNVGQWRGFVGGGGQRLDFDSQDSAASGDGNGYNLTLGGSYRIDEAWRA
GVAAGFYRQKLEAGAKDSDYRMNSYMASAFVQYQENRWWADAALTGGYLDYDDLKRKFALGGGERSEKGDTNGHLWAFSA
RLGYDIAQQADSPWHLSPFVSADYARVEVDGYSEKGASATALDYDDQKRSSKRLGAGLQGKYAFGSDTQLFAEYAHEREY
EDDTQDLTMSLNSLPGNRFTLEGYTPQDHLNRVSLGFSQKLAPELSLRGGYNWRKGEDDTQQSVSLALSLDF
;
_entity_poly.pdbx_strand_id   X,A
#
# COMPACT_ATOMS: atom_id res chain seq x y z
N HIS A 5 -19.89 -12.34 -17.64
CA HIS A 5 -20.80 -12.16 -18.77
C HIS A 5 -20.21 -12.76 -20.04
N HIS A 6 -19.49 -13.87 -19.89
CA HIS A 6 -18.64 -14.43 -20.95
C HIS A 6 -19.28 -15.52 -21.82
N HIS A 7 -19.18 -15.36 -23.14
CA HIS A 7 -19.70 -16.35 -24.10
C HIS A 7 -18.86 -17.64 -24.08
N HIS A 8 -19.54 -18.77 -23.87
CA HIS A 8 -18.88 -20.04 -23.57
C HIS A 8 -18.16 -20.70 -24.75
N LEU A 9 -18.46 -20.25 -25.96
CA LEU A 9 -17.75 -20.74 -27.14
C LEU A 9 -16.36 -20.10 -27.27
N GLU A 10 -16.17 -18.98 -26.58
CA GLU A 10 -14.94 -18.19 -26.74
C GLU A 10 -13.90 -18.47 -25.66
N ALA A 11 -12.65 -18.26 -26.01
CA ALA A 11 -11.54 -18.32 -25.08
C ALA A 11 -11.61 -17.11 -24.17
N PRO A 12 -10.83 -17.14 -23.09
CA PRO A 12 -10.91 -16.04 -22.13
C PRO A 12 -10.50 -14.70 -22.74
N SER A 13 -10.88 -13.62 -22.07
CA SER A 13 -10.63 -12.29 -22.58
C SER A 13 -10.72 -11.31 -21.42
N PRO A 14 -9.67 -11.26 -20.60
CA PRO A 14 -9.60 -10.42 -19.40
C PRO A 14 -9.61 -8.93 -19.68
N TYR A 15 -9.16 -8.51 -20.86
CA TYR A 15 -8.80 -7.11 -21.06
C TYR A 15 -9.77 -6.36 -21.96
N SER A 16 -10.07 -5.12 -21.57
CA SER A 16 -11.01 -4.28 -22.31
C SER A 16 -10.46 -3.97 -23.69
N THR A 17 -9.15 -3.77 -23.77
CA THR A 17 -8.50 -3.49 -25.04
C THR A 17 -6.99 -3.67 -24.87
N LEU A 18 -6.26 -3.55 -25.97
CA LEU A 18 -4.81 -3.63 -25.95
C LEU A 18 -4.26 -2.29 -26.41
N VAL A 19 -3.53 -1.62 -25.53
CA VAL A 19 -2.93 -0.35 -25.87
C VAL A 19 -1.44 -0.61 -25.96
N VAL A 20 -0.86 -0.18 -27.07
CA VAL A 20 0.52 -0.51 -27.42
C VAL A 20 1.39 0.73 -27.60
N PHE A 21 2.61 0.68 -27.09
CA PHE A 21 3.57 1.73 -27.35
C PHE A 21 4.88 1.11 -27.78
N GLY A 22 5.68 1.86 -28.52
CA GLY A 22 6.97 1.39 -28.95
C GLY A 22 7.34 1.75 -30.38
N ASP A 23 8.05 0.83 -31.01
CA ASP A 23 8.77 1.11 -32.23
C ASP A 23 8.35 0.17 -33.36
N SER A 24 9.22 -0.01 -34.34
CA SER A 24 8.90 -0.83 -35.51
C SER A 24 8.56 -2.29 -35.16
N LEU A 25 9.03 -2.76 -34.00
CA LEU A 25 8.65 -4.10 -33.57
C LEU A 25 7.14 -4.23 -33.41
N SER A 26 6.49 -3.12 -33.09
CA SER A 26 5.08 -3.17 -32.70
C SER A 26 4.14 -2.39 -33.61
N ASP A 27 4.70 -1.45 -34.39
CA ASP A 27 3.92 -0.58 -35.28
C ASP A 27 2.88 -1.40 -36.05
N ALA A 28 1.64 -0.94 -36.07
CA ALA A 28 0.56 -1.66 -36.75
C ALA A 28 0.22 -1.01 -38.08
N GLY A 29 0.79 0.15 -38.33
CA GLY A 29 0.65 0.79 -39.61
C GLY A 29 0.46 2.29 -39.51
N GLN A 30 1.42 2.97 -38.90
CA GLN A 30 1.37 4.42 -38.84
C GLN A 30 1.63 5.02 -40.23
N PHE A 31 2.74 4.63 -40.86
CA PHE A 31 3.13 5.22 -42.16
C PHE A 31 2.41 4.61 -43.35
N PRO A 32 2.24 5.41 -44.40
CA PRO A 32 1.75 4.88 -45.68
C PRO A 32 2.65 3.78 -46.16
N ASP A 33 2.12 2.88 -46.97
CA ASP A 33 2.93 1.86 -47.61
C ASP A 33 3.08 2.30 -49.06
N PRO A 34 4.16 3.03 -49.33
CA PRO A 34 4.36 3.61 -50.66
C PRO A 34 4.29 2.54 -51.76
N ALA A 35 4.83 1.34 -51.50
CA ALA A 35 4.82 0.25 -52.49
C ALA A 35 3.65 -0.73 -52.37
N GLY A 36 2.61 -0.37 -51.62
CA GLY A 36 1.47 -1.25 -51.48
C GLY A 36 0.19 -0.71 -52.12
N PRO A 37 -0.88 -1.53 -52.14
CA PRO A 37 -2.19 -1.11 -52.68
C PRO A 37 -2.65 0.19 -52.03
N ALA A 38 -3.66 0.83 -52.64
CA ALA A 38 -4.17 2.08 -52.11
C ALA A 38 -4.79 1.86 -50.74
N GLY A 39 -4.54 2.77 -49.81
CA GLY A 39 -5.01 2.61 -48.44
C GLY A 39 -4.12 1.73 -47.58
N SER A 40 -3.08 1.14 -48.18
CA SER A 40 -2.10 0.31 -47.47
C SER A 40 -1.36 1.10 -46.42
N THR A 41 -0.81 0.38 -45.48
CA THR A 41 -0.14 1.00 -44.37
C THR A 41 1.11 0.14 -44.12
N SER A 42 2.15 0.72 -43.52
CA SER A 42 3.43 0.01 -43.40
C SER A 42 3.60 -0.69 -42.05
N ARG A 43 3.98 -1.96 -42.11
CA ARG A 43 4.43 -2.70 -40.94
C ARG A 43 5.80 -3.29 -41.26
N PHE A 44 6.63 -3.43 -40.26
CA PHE A 44 8.01 -3.89 -40.49
C PHE A 44 8.14 -5.39 -40.33
N THR A 45 7.71 -6.09 -41.38
CA THR A 45 7.75 -7.55 -41.45
C THR A 45 7.42 -7.90 -42.91
N ASN A 46 7.40 -9.19 -43.26
CA ASN A 46 7.16 -9.57 -44.65
C ASN A 46 5.75 -9.27 -45.11
N ARG A 47 5.58 -9.17 -46.42
CA ARG A 47 4.26 -9.00 -47.00
C ARG A 47 3.56 -10.36 -47.01
N VAL A 48 2.24 -10.36 -47.24
CA VAL A 48 1.45 -11.55 -47.03
C VAL A 48 1.68 -12.65 -48.07
N GLY A 49 2.15 -12.27 -49.25
CA GLY A 49 2.33 -13.22 -50.34
C GLY A 49 1.18 -13.10 -51.32
N PRO A 50 1.17 -13.92 -52.38
CA PRO A 50 2.12 -14.99 -52.76
C PRO A 50 3.50 -14.55 -53.28
N THR A 51 3.65 -13.34 -53.82
CA THR A 51 4.97 -12.95 -54.34
C THR A 51 5.89 -12.33 -53.30
N TYR A 52 5.31 -11.68 -52.29
CA TYR A 52 6.04 -10.95 -51.26
C TYR A 52 6.76 -9.71 -51.78
N GLN A 53 6.68 -9.47 -53.09
CA GLN A 53 7.39 -8.33 -53.69
C GLN A 53 6.75 -7.00 -53.36
N ASN A 54 7.58 -5.98 -53.19
CA ASN A 54 7.08 -4.60 -53.17
C ASN A 54 6.43 -4.29 -54.51
N GLY A 55 5.32 -3.55 -54.47
CA GLY A 55 4.61 -3.19 -55.68
C GLY A 55 3.79 -4.31 -56.28
N SER A 56 3.70 -5.43 -55.57
CA SER A 56 2.92 -6.58 -56.03
C SER A 56 1.44 -6.42 -55.81
N GLY A 57 1.05 -5.38 -55.06
CA GLY A 57 -0.31 -5.26 -54.57
C GLY A 57 -0.59 -5.98 -53.26
N GLU A 58 0.42 -6.64 -52.68
CA GLU A 58 0.24 -7.38 -51.43
C GLU A 58 0.58 -6.51 -50.22
N ILE A 59 -0.26 -6.54 -49.19
CA ILE A 59 0.00 -5.72 -48.03
C ILE A 59 1.05 -6.34 -47.13
N PHE A 60 1.58 -5.55 -46.22
CA PHE A 60 2.45 -6.08 -45.17
C PHE A 60 1.62 -6.97 -44.24
N GLY A 61 2.24 -8.00 -43.69
CA GLY A 61 1.55 -8.88 -42.78
C GLY A 61 1.38 -8.25 -41.41
N PRO A 62 0.85 -9.01 -40.44
CA PRO A 62 0.57 -8.47 -39.12
C PRO A 62 1.81 -8.47 -38.22
N THR A 63 1.76 -7.63 -37.21
CA THR A 63 2.82 -7.61 -36.22
C THR A 63 2.29 -8.27 -34.90
N ALA A 64 3.20 -8.67 -34.03
CA ALA A 64 2.85 -9.42 -32.83
C ALA A 64 1.65 -8.90 -32.02
N PRO A 65 1.59 -7.59 -31.74
CA PRO A 65 0.49 -7.06 -30.92
C PRO A 65 -0.87 -7.28 -31.59
N MET A 66 -0.91 -7.22 -32.92
CA MET A 66 -2.13 -7.46 -33.65
C MET A 66 -2.57 -8.91 -33.53
N LEU A 67 -1.61 -9.82 -33.62
CA LEU A 67 -1.88 -11.24 -33.49
C LEU A 67 -2.35 -11.52 -32.07
N LEU A 68 -1.68 -10.93 -31.09
CA LEU A 68 -2.00 -11.11 -29.69
C LEU A 68 -3.40 -10.59 -29.35
N GLY A 69 -3.70 -9.38 -29.80
CA GLY A 69 -4.96 -8.74 -29.50
C GLY A 69 -6.09 -9.61 -30.04
N ASN A 70 -5.88 -10.09 -31.25
CA ASN A 70 -6.82 -11.01 -31.84
C ASN A 70 -7.08 -12.26 -30.98
N GLN A 71 -6.00 -12.88 -30.50
CA GLN A 71 -6.10 -14.05 -29.64
C GLN A 71 -6.92 -13.73 -28.39
N LEU A 72 -6.73 -12.50 -27.87
CA LEU A 72 -7.34 -12.06 -26.63
C LEU A 72 -8.75 -11.52 -26.80
N GLY A 73 -9.30 -11.64 -28.01
CA GLY A 73 -10.64 -11.19 -28.30
C GLY A 73 -10.81 -9.68 -28.35
N ILE A 74 -9.71 -8.94 -28.48
CA ILE A 74 -9.78 -7.48 -28.63
C ILE A 74 -10.51 -7.08 -29.92
N ALA A 75 -11.37 -6.06 -29.84
CA ALA A 75 -12.00 -5.52 -31.03
C ALA A 75 -10.94 -5.13 -32.07
N PRO A 76 -11.09 -5.63 -33.30
CA PRO A 76 -10.08 -5.46 -34.37
C PRO A 76 -9.72 -4.00 -34.60
N GLY A 77 -10.71 -3.12 -34.52
CA GLY A 77 -10.50 -1.70 -34.73
C GLY A 77 -9.52 -1.11 -33.72
N ASP A 78 -9.41 -1.75 -32.56
CA ASP A 78 -8.50 -1.30 -31.53
C ASP A 78 -7.05 -1.61 -31.86
N LEU A 79 -6.87 -2.60 -32.73
CA LEU A 79 -5.56 -3.10 -33.08
C LEU A 79 -4.87 -2.26 -34.16
N ALA A 80 -5.57 -1.27 -34.70
CA ALA A 80 -5.01 -0.39 -35.72
C ALA A 80 -4.11 0.68 -35.09
N ALA A 81 -3.29 1.30 -35.94
CA ALA A 81 -2.42 2.39 -35.51
C ALA A 81 -3.21 3.57 -34.92
N SER A 82 -2.53 4.41 -34.13
CA SER A 82 -3.19 5.55 -33.49
C SER A 82 -3.19 6.85 -34.32
N THR A 83 -2.27 6.97 -35.26
CA THR A 83 -2.03 8.26 -35.90
C THR A 83 -1.73 8.15 -37.38
N SER A 84 -2.22 7.12 -38.05
CA SER A 84 -1.96 7.01 -39.48
C SER A 84 -2.72 8.07 -40.26
N PRO A 85 -2.03 8.72 -41.19
CA PRO A 85 -2.62 9.65 -42.16
C PRO A 85 -3.48 8.90 -43.14
N VAL A 86 -3.10 7.66 -43.44
CA VAL A 86 -3.85 6.82 -44.35
C VAL A 86 -5.26 6.56 -43.80
N ASN A 87 -5.35 6.20 -42.52
CA ASN A 87 -6.64 5.95 -41.89
C ASN A 87 -7.52 7.19 -41.93
N ALA A 88 -6.90 8.35 -41.64
CA ALA A 88 -7.60 9.62 -41.68
C ALA A 88 -8.17 9.89 -43.09
N GLN A 89 -7.34 9.74 -44.11
CA GLN A 89 -7.77 9.98 -45.48
C GLN A 89 -8.87 8.98 -45.88
N GLN A 90 -8.79 7.77 -45.34
CA GLN A 90 -9.74 6.70 -45.68
C GLN A 90 -11.03 6.76 -44.87
N GLY A 91 -11.02 7.54 -43.80
CA GLY A 91 -12.12 7.55 -42.85
C GLY A 91 -12.19 6.33 -41.94
N ILE A 92 -11.06 5.64 -41.78
CA ILE A 92 -10.93 4.52 -40.85
C ILE A 92 -10.53 5.10 -39.49
N ALA A 93 -11.20 4.65 -38.44
CA ALA A 93 -10.99 5.18 -37.10
C ALA A 93 -9.61 4.80 -36.59
N ASP A 94 -9.01 5.69 -35.82
CA ASP A 94 -7.73 5.43 -35.18
C ASP A 94 -7.88 4.29 -34.16
N GLY A 95 -6.85 3.46 -34.05
CA GLY A 95 -6.84 2.39 -33.07
C GLY A 95 -5.97 2.69 -31.86
N ASN A 96 -5.64 1.67 -31.08
CA ASN A 96 -4.93 1.87 -29.82
C ASN A 96 -3.46 1.50 -29.86
N ASN A 97 -2.92 1.33 -31.06
CA ASN A 97 -1.52 0.99 -31.21
C ASN A 97 -0.74 2.26 -31.57
N TRP A 98 -0.05 2.79 -30.58
CA TRP A 98 0.69 4.06 -30.70
C TRP A 98 2.15 3.84 -31.07
N ALA A 99 2.51 2.59 -31.30
CA ALA A 99 3.88 2.27 -31.67
C ALA A 99 4.20 2.87 -33.05
N VAL A 100 5.40 3.40 -33.21
CA VAL A 100 5.83 4.01 -34.49
C VAL A 100 7.22 3.52 -34.90
N GLY A 101 7.32 2.95 -36.10
CA GLY A 101 8.62 2.63 -36.66
C GLY A 101 9.58 3.79 -36.56
N GLY A 102 10.77 3.53 -36.00
CA GLY A 102 11.78 4.57 -35.87
C GLY A 102 11.95 5.18 -34.49
N TYR A 103 10.93 5.09 -33.65
CA TYR A 103 10.95 5.71 -32.32
C TYR A 103 12.06 5.19 -31.39
N ARG A 104 12.77 6.12 -30.76
CA ARG A 104 13.71 5.81 -29.69
C ARG A 104 12.91 5.81 -28.37
N THR A 105 13.56 5.38 -27.29
CA THR A 105 12.94 5.42 -25.95
C THR A 105 12.30 6.76 -25.61
N ASP A 106 12.99 7.86 -25.94
CA ASP A 106 12.48 9.19 -25.57
C ASP A 106 11.23 9.54 -26.35
N GLN A 107 11.16 9.10 -27.60
CA GLN A 107 9.98 9.36 -28.42
C GLN A 107 8.80 8.51 -27.97
N ILE A 108 9.09 7.29 -27.54
CA ILE A 108 8.07 6.41 -27.02
C ILE A 108 7.44 7.06 -25.78
N TYR A 109 8.29 7.55 -24.89
CA TYR A 109 7.83 8.29 -23.72
C TYR A 109 6.94 9.48 -24.08
N ASP A 110 7.38 10.28 -25.04
CA ASP A 110 6.61 11.45 -25.46
C ASP A 110 5.24 11.08 -26.01
N SER A 111 5.16 9.95 -26.73
CA SER A 111 3.92 9.49 -27.34
C SER A 111 2.88 9.08 -26.27
N ILE A 112 3.36 8.89 -25.05
CA ILE A 112 2.50 8.58 -23.93
C ILE A 112 2.12 9.84 -23.13
N THR A 113 3.10 10.70 -22.88
CA THR A 113 2.97 11.75 -21.90
C THR A 113 2.86 13.18 -22.46
N ALA A 114 3.43 13.43 -23.64
CA ALA A 114 3.61 14.79 -24.13
C ALA A 114 2.54 15.33 -25.09
N ALA A 115 2.36 16.65 -25.05
CA ALA A 115 1.58 17.38 -26.05
C ALA A 115 2.16 17.16 -27.44
N ASN A 116 1.31 16.92 -28.42
CA ASN A 116 1.76 16.62 -29.78
C ASN A 116 2.84 15.54 -29.82
N GLY A 117 2.77 14.59 -28.88
CA GLY A 117 3.80 13.59 -28.71
C GLY A 117 3.76 12.43 -29.69
N SER A 118 2.61 12.24 -30.34
CA SER A 118 2.51 11.21 -31.35
C SER A 118 2.75 11.82 -32.74
N LEU A 119 4.02 11.84 -33.16
CA LEU A 119 4.41 12.40 -34.44
C LEU A 119 4.68 11.35 -35.49
N ILE A 120 4.04 11.49 -36.64
CA ILE A 120 4.34 10.61 -37.76
C ILE A 120 5.06 11.46 -38.81
N GLU A 121 6.38 11.31 -38.89
CA GLU A 121 7.14 12.09 -39.85
C GLU A 121 8.14 11.26 -40.64
N ARG A 122 8.18 11.52 -41.93
CA ARG A 122 9.02 10.80 -42.88
C ARG A 122 9.86 11.85 -43.60
N ASP A 123 11.18 11.73 -43.53
CA ASP A 123 12.08 12.69 -44.19
C ASP A 123 11.82 14.13 -43.76
N ASN A 124 11.92 14.40 -42.46
CA ASN A 124 11.81 15.76 -41.95
C ASN A 124 10.53 16.47 -42.35
N THR A 125 9.52 15.70 -42.73
CA THR A 125 8.20 16.27 -42.94
C THR A 125 7.15 15.57 -42.08
N LEU A 126 6.35 16.36 -41.39
CA LEU A 126 5.31 15.83 -40.53
C LEU A 126 4.13 15.36 -41.36
N LEU A 127 3.78 14.08 -41.23
CA LEU A 127 2.64 13.50 -41.93
C LEU A 127 1.39 13.67 -41.10
N ARG A 128 1.52 13.42 -39.81
CA ARG A 128 0.43 13.59 -38.87
C ARG A 128 0.93 13.61 -37.45
N SER A 129 0.13 14.21 -36.59
CA SER A 129 0.48 14.44 -35.20
C SER A 129 -0.78 14.39 -34.35
N ARG A 130 -0.64 13.90 -33.11
CA ARG A 130 -1.69 14.04 -32.08
C ARG A 130 -1.03 13.97 -30.70
N ASP A 131 -1.79 14.34 -29.67
CA ASP A 131 -1.27 14.35 -28.31
C ASP A 131 -0.98 12.95 -27.80
N GLY A 132 -0.03 12.85 -26.88
CA GLY A 132 0.31 11.57 -26.27
C GLY A 132 -0.88 10.95 -25.58
N TYR A 133 -0.92 9.63 -25.53
CA TYR A 133 -2.05 8.85 -25.02
C TYR A 133 -2.68 9.42 -23.75
N LEU A 134 -1.88 9.60 -22.69
CA LEU A 134 -2.36 10.14 -21.43
C LEU A 134 -2.90 11.56 -21.54
N VAL A 135 -2.37 12.32 -22.48
CA VAL A 135 -2.83 13.69 -22.71
C VAL A 135 -4.22 13.66 -23.32
N ASP A 136 -4.40 12.87 -24.38
CA ASP A 136 -5.73 12.71 -25.01
C ASP A 136 -6.75 12.13 -24.02
N ARG A 137 -6.31 11.16 -23.22
CA ARG A 137 -7.18 10.56 -22.22
C ARG A 137 -7.53 11.61 -21.18
N ALA A 138 -6.54 12.40 -20.80
CA ALA A 138 -6.77 13.40 -19.78
C ALA A 138 -7.79 14.43 -20.24
N ARG A 139 -7.86 14.68 -21.55
CA ARG A 139 -8.80 15.69 -22.05
C ARG A 139 -10.20 15.11 -22.08
N GLN A 140 -10.42 14.08 -21.27
CA GLN A 140 -11.74 13.48 -21.11
C GLN A 140 -11.85 13.11 -19.66
N GLY A 141 -10.96 13.68 -18.86
CA GLY A 141 -10.88 13.38 -17.44
C GLY A 141 -10.58 11.93 -17.18
N LEU A 142 -9.66 11.36 -17.96
CA LEU A 142 -9.36 9.95 -17.80
C LEU A 142 -7.86 9.73 -17.65
N GLY A 143 -7.51 8.79 -16.79
CA GLY A 143 -6.18 8.25 -16.74
C GLY A 143 -6.14 7.07 -17.70
N ALA A 144 -5.24 6.14 -17.43
CA ALA A 144 -5.18 4.91 -18.21
C ALA A 144 -6.44 4.08 -17.97
N ASP A 145 -6.65 3.08 -18.80
CA ASP A 145 -7.74 2.15 -18.65
C ASP A 145 -7.32 1.02 -17.71
N PRO A 146 -7.96 0.92 -16.54
CA PRO A 146 -7.57 -0.04 -15.51
C PRO A 146 -7.83 -1.47 -15.97
N ASN A 147 -8.62 -1.62 -17.02
CA ASN A 147 -8.96 -2.94 -17.56
C ASN A 147 -8.22 -3.32 -18.84
N ALA A 148 -7.45 -2.38 -19.39
CA ALA A 148 -6.74 -2.62 -20.64
C ALA A 148 -5.46 -3.37 -20.34
N LEU A 149 -5.02 -4.16 -21.30
CA LEU A 149 -3.65 -4.66 -21.33
C LEU A 149 -2.77 -3.63 -22.08
N TYR A 150 -1.67 -3.26 -21.45
CA TYR A 150 -0.68 -2.40 -22.08
C TYR A 150 0.53 -3.22 -22.52
N TYR A 151 1.20 -2.74 -23.56
CA TYR A 151 2.25 -3.52 -24.21
C TYR A 151 3.31 -2.57 -24.80
N ILE A 152 4.57 -2.78 -24.44
CA ILE A 152 5.65 -1.88 -24.85
C ILE A 152 6.89 -2.56 -25.42
N THR A 153 7.42 -2.03 -26.51
CA THR A 153 8.78 -2.35 -26.96
C THR A 153 9.59 -1.06 -27.02
N GLY A 154 10.91 -1.18 -27.19
CA GLY A 154 11.75 -0.01 -27.36
C GLY A 154 13.18 -0.18 -26.86
N GLY A 155 14.10 0.53 -27.50
CA GLY A 155 15.50 0.50 -27.13
C GLY A 155 16.39 0.32 -28.34
N GLY A 156 15.90 -0.43 -29.33
CA GLY A 156 16.63 -0.72 -30.55
C GLY A 156 17.09 0.51 -31.32
N ASN A 157 16.18 1.44 -31.57
CA ASN A 157 16.54 2.66 -32.27
C ASN A 157 17.56 3.52 -31.52
N ASP A 158 17.53 3.48 -30.20
CA ASP A 158 18.54 4.13 -29.39
C ASP A 158 19.90 3.60 -29.80
N PHE A 159 19.98 2.29 -29.98
CA PHE A 159 21.20 1.66 -30.47
C PHE A 159 21.55 2.01 -31.91
N LEU A 160 20.59 1.91 -32.82
CA LEU A 160 20.85 2.13 -34.23
C LEU A 160 21.42 3.51 -34.45
N GLN A 161 20.89 4.47 -33.70
CA GLN A 161 21.27 5.86 -33.87
C GLN A 161 22.51 6.23 -33.09
N GLY A 162 23.24 5.22 -32.64
CA GLY A 162 24.54 5.43 -32.02
C GLY A 162 24.47 6.14 -30.69
N ARG A 163 23.29 6.15 -30.10
CA ARG A 163 23.08 6.79 -28.81
C ARG A 163 23.38 5.86 -27.64
N ILE A 164 23.86 4.65 -27.93
CA ILE A 164 24.27 3.73 -26.89
C ILE A 164 25.61 3.09 -27.18
N LEU A 165 26.66 3.61 -26.55
CA LEU A 165 28.02 3.25 -26.89
C LEU A 165 28.79 2.72 -25.69
N ASN A 166 28.18 2.80 -24.52
CA ASN A 166 28.81 2.26 -23.32
C ASN A 166 27.76 1.81 -22.31
N ASP A 167 28.20 1.17 -21.24
CA ASP A 167 27.30 0.61 -20.25
C ASP A 167 26.36 1.67 -19.69
N VAL A 168 26.91 2.82 -19.37
CA VAL A 168 26.12 3.90 -18.80
C VAL A 168 24.96 4.30 -19.71
N GLN A 169 25.25 4.49 -20.98
CA GLN A 169 24.23 4.92 -21.94
C GLN A 169 23.16 3.86 -22.10
N ALA A 170 23.54 2.60 -21.98
CA ALA A 170 22.59 1.50 -22.13
C ALA A 170 21.65 1.47 -20.94
N GLN A 171 22.21 1.66 -19.76
CA GLN A 171 21.42 1.76 -18.55
C GLN A 171 20.50 2.97 -18.60
N GLN A 172 21.00 4.09 -19.11
CA GLN A 172 20.16 5.28 -19.19
C GLN A 172 18.97 5.06 -20.13
N ALA A 173 19.22 4.31 -21.20
CA ALA A 173 18.19 4.01 -22.18
C ALA A 173 17.15 3.06 -21.59
N ALA A 174 17.61 2.13 -20.76
CA ALA A 174 16.70 1.22 -20.10
C ALA A 174 15.81 2.02 -19.14
N GLY A 175 16.41 3.02 -18.51
CA GLY A 175 15.68 3.91 -17.62
C GLY A 175 14.58 4.70 -18.32
N ARG A 176 14.85 5.08 -19.57
CA ARG A 176 13.85 5.83 -20.33
C ARG A 176 12.68 4.94 -20.71
N LEU A 177 12.97 3.67 -20.96
CA LEU A 177 11.90 2.69 -21.19
C LEU A 177 11.02 2.57 -19.95
N VAL A 178 11.67 2.41 -18.80
CA VAL A 178 10.96 2.29 -17.54
C VAL A 178 10.14 3.54 -17.25
N ASP A 179 10.66 4.71 -17.63
CA ASP A 179 9.91 5.95 -17.45
C ASP A 179 8.52 5.79 -18.05
N SER A 180 8.44 5.11 -19.20
CA SER A 180 7.17 4.97 -19.88
C SER A 180 6.22 4.07 -19.08
N VAL A 181 6.75 2.96 -18.61
CA VAL A 181 6.02 2.05 -17.75
C VAL A 181 5.45 2.78 -16.54
N GLN A 182 6.27 3.61 -15.89
CA GLN A 182 5.87 4.33 -14.70
C GLN A 182 4.82 5.39 -15.01
N ALA A 183 4.92 5.97 -16.19
CA ALA A 183 3.94 6.99 -16.56
C ALA A 183 2.55 6.34 -16.62
N LEU A 184 2.49 5.14 -17.20
CA LEU A 184 1.22 4.42 -17.33
C LEU A 184 0.72 3.94 -15.97
N GLN A 185 1.61 3.36 -15.18
CA GLN A 185 1.28 2.93 -13.84
C GLN A 185 0.70 4.08 -13.00
N GLN A 186 1.44 5.18 -12.92
CA GLN A 186 0.97 6.35 -12.20
C GLN A 186 -0.40 6.80 -12.70
N ALA A 187 -0.66 6.55 -13.98
CA ALA A 187 -1.93 6.95 -14.58
C ALA A 187 -3.04 5.91 -14.35
N GLY A 188 -2.69 4.82 -13.68
CA GLY A 188 -3.65 3.77 -13.38
C GLY A 188 -3.63 2.50 -14.21
N ALA A 189 -2.57 2.30 -15.01
CA ALA A 189 -2.45 1.06 -15.79
C ALA A 189 -2.13 -0.11 -14.87
N ARG A 190 -2.78 -1.24 -15.12
CA ARG A 190 -2.74 -2.34 -14.14
C ARG A 190 -2.12 -3.60 -14.70
N TYR A 191 -1.94 -3.62 -16.02
CA TYR A 191 -1.29 -4.74 -16.69
C TYR A 191 -0.41 -4.24 -17.84
N ILE A 192 0.89 -4.45 -17.73
CA ILE A 192 1.83 -3.95 -18.73
C ILE A 192 2.81 -5.03 -19.16
N VAL A 193 2.69 -5.46 -20.41
CA VAL A 193 3.70 -6.35 -20.98
C VAL A 193 4.90 -5.52 -21.42
N VAL A 194 6.10 -5.92 -21.01
CA VAL A 194 7.32 -5.22 -21.39
C VAL A 194 8.38 -6.18 -21.95
N TRP A 195 8.92 -5.89 -23.14
CA TRP A 195 10.00 -6.68 -23.75
C TRP A 195 11.33 -6.41 -23.06
N LEU A 196 12.08 -7.46 -22.76
CA LEU A 196 13.52 -7.29 -22.62
C LEU A 196 14.00 -7.04 -24.03
N LEU A 197 15.06 -6.24 -24.15
CA LEU A 197 15.63 -5.95 -25.45
C LEU A 197 16.21 -7.24 -26.00
N PRO A 198 15.93 -7.54 -27.28
CA PRO A 198 16.61 -8.70 -27.87
C PRO A 198 18.14 -8.57 -27.81
N ASP A 199 18.85 -9.70 -27.89
CA ASP A 199 20.30 -9.66 -27.98
C ASP A 199 20.70 -9.10 -29.34
N LEU A 200 21.13 -7.85 -29.37
CA LEU A 200 21.36 -7.14 -30.62
C LEU A 200 22.54 -7.66 -31.43
N GLY A 201 23.39 -8.46 -30.81
CA GLY A 201 24.46 -9.10 -31.52
C GLY A 201 23.97 -10.30 -32.30
N LEU A 202 22.72 -10.68 -32.04
CA LEU A 202 22.17 -11.84 -32.71
C LEU A 202 21.08 -11.39 -33.66
N THR A 203 21.40 -10.37 -34.45
CA THR A 203 20.57 -9.93 -35.56
C THR A 203 21.42 -9.92 -36.83
N PRO A 204 20.78 -10.05 -38.00
CA PRO A 204 21.56 -9.99 -39.24
C PRO A 204 22.40 -8.73 -39.31
N ALA A 205 21.93 -7.70 -38.61
CA ALA A 205 22.60 -6.42 -38.60
C ALA A 205 24.03 -6.46 -38.07
N THR A 206 24.29 -7.24 -37.02
CA THR A 206 25.65 -7.24 -36.45
C THR A 206 26.26 -8.62 -36.41
N PHE A 207 25.45 -9.64 -36.56
CA PHE A 207 25.88 -11.01 -36.35
C PHE A 207 27.08 -11.39 -37.22
N GLY A 208 28.08 -12.01 -36.60
CA GLY A 208 29.27 -12.45 -37.31
C GLY A 208 30.20 -11.30 -37.68
N GLY A 209 29.81 -10.09 -37.32
CA GLY A 209 30.62 -8.93 -37.56
C GLY A 209 31.38 -8.53 -36.32
N PRO A 210 32.26 -7.54 -36.44
CA PRO A 210 33.08 -7.08 -35.31
C PRO A 210 32.26 -6.38 -34.23
N LEU A 211 31.06 -5.90 -34.56
CA LEU A 211 30.20 -5.22 -33.59
C LEU A 211 29.41 -6.20 -32.70
N GLN A 212 29.33 -7.45 -33.14
CA GLN A 212 28.48 -8.42 -32.47
C GLN A 212 28.66 -8.46 -30.95
N PRO A 213 29.90 -8.63 -30.48
CA PRO A 213 30.12 -8.82 -29.05
C PRO A 213 29.78 -7.58 -28.23
N PHE A 214 30.11 -6.41 -28.76
CA PHE A 214 29.82 -5.19 -28.05
C PHE A 214 28.31 -5.01 -28.05
N ALA A 215 27.69 -5.40 -29.16
CA ALA A 215 26.24 -5.34 -29.29
C ALA A 215 25.57 -6.20 -28.20
N SER A 216 26.02 -7.44 -28.09
CA SER A 216 25.47 -8.38 -27.13
C SER A 216 25.62 -7.94 -25.69
N GLN A 217 26.78 -7.41 -25.36
CA GLN A 217 27.05 -7.05 -23.98
C GLN A 217 26.32 -5.77 -23.58
N LEU A 218 26.12 -4.86 -24.51
CA LEU A 218 25.35 -3.65 -24.22
C LEU A 218 23.87 -4.01 -24.07
N SER A 219 23.44 -5.04 -24.80
CA SER A 219 22.08 -5.55 -24.70
C SER A 219 21.87 -6.12 -23.29
N GLY A 220 22.85 -6.88 -22.81
CA GLY A 220 22.83 -7.42 -21.46
C GLY A 220 22.70 -6.34 -20.41
N THR A 221 23.51 -5.29 -20.54
CA THR A 221 23.51 -4.18 -19.61
C THR A 221 22.15 -3.50 -19.58
N PHE A 222 21.58 -3.27 -20.75
CA PHE A 222 20.25 -2.69 -20.87
C PHE A 222 19.20 -3.49 -20.08
N ASN A 223 19.16 -4.79 -20.32
CA ASN A 223 18.14 -5.64 -19.72
C ASN A 223 18.32 -5.81 -18.22
N ALA A 224 19.57 -5.79 -17.77
CA ALA A 224 19.85 -5.91 -16.34
C ALA A 224 19.36 -4.68 -15.60
N GLU A 225 19.50 -3.51 -16.21
CA GLU A 225 18.98 -2.28 -15.62
C GLU A 225 17.48 -2.24 -15.72
N LEU A 226 16.97 -2.78 -16.81
CA LEU A 226 15.55 -2.81 -17.06
C LEU A 226 14.85 -3.66 -16.01
N THR A 227 15.33 -4.89 -15.84
CA THR A 227 14.67 -5.80 -14.90
C THR A 227 14.84 -5.31 -13.46
N ALA A 228 16.01 -4.78 -13.15
CA ALA A 228 16.26 -4.25 -11.82
C ALA A 228 15.40 -3.02 -11.51
N GLN A 229 15.32 -2.09 -12.45
CA GLN A 229 14.50 -0.90 -12.26
C GLN A 229 13.03 -1.27 -12.12
N LEU A 230 12.56 -2.12 -13.03
CA LEU A 230 11.17 -2.57 -12.98
C LEU A 230 10.88 -3.30 -11.68
N SER A 231 11.87 -4.06 -11.21
CA SER A 231 11.76 -4.77 -9.94
C SER A 231 11.38 -3.79 -8.83
N GLN A 232 11.82 -2.56 -8.96
CA GLN A 232 11.62 -1.59 -7.91
C GLN A 232 10.59 -0.53 -8.28
N ALA A 233 10.09 -0.57 -9.50
CA ALA A 233 9.10 0.42 -9.91
C ALA A 233 7.74 0.15 -9.27
N GLY A 234 7.47 -1.11 -8.95
CA GLY A 234 6.17 -1.48 -8.41
C GLY A 234 5.02 -1.43 -9.41
N ALA A 235 5.34 -1.44 -10.71
CA ALA A 235 4.31 -1.57 -11.73
C ALA A 235 4.02 -3.04 -11.96
N ASN A 236 2.81 -3.34 -12.41
CA ASN A 236 2.44 -4.72 -12.67
C ASN A 236 2.83 -5.18 -14.06
N VAL A 237 4.10 -5.54 -14.21
CA VAL A 237 4.69 -5.84 -15.51
C VAL A 237 4.84 -7.34 -15.78
N ILE A 238 4.37 -7.78 -16.94
CA ILE A 238 4.70 -9.10 -17.44
C ILE A 238 5.89 -8.96 -18.41
N PRO A 239 7.09 -9.37 -17.98
CA PRO A 239 8.28 -9.17 -18.82
C PRO A 239 8.41 -10.27 -19.87
N LEU A 240 8.76 -9.92 -21.11
CA LEU A 240 9.01 -10.95 -22.12
C LEU A 240 10.49 -11.25 -22.18
N ASN A 241 10.88 -12.47 -21.82
CA ASN A 241 12.29 -12.81 -21.93
C ASN A 241 12.65 -13.24 -23.35
N ILE A 242 12.62 -12.26 -24.25
CA ILE A 242 12.91 -12.47 -25.67
C ILE A 242 14.28 -13.11 -25.95
N PRO A 243 15.34 -12.61 -25.29
CA PRO A 243 16.64 -13.24 -25.53
C PRO A 243 16.67 -14.75 -25.25
N LEU A 244 16.03 -15.17 -24.16
CA LEU A 244 16.03 -16.60 -23.81
C LEU A 244 15.17 -17.40 -24.78
N LEU A 245 14.03 -16.83 -25.18
CA LEU A 245 13.20 -17.46 -26.18
C LEU A 245 14.00 -17.68 -27.47
N LEU A 246 14.71 -16.64 -27.93
CA LEU A 246 15.52 -16.76 -29.14
C LEU A 246 16.59 -17.84 -29.01
N LYS A 247 17.32 -17.88 -27.90
CA LYS A 247 18.30 -18.94 -27.70
C LYS A 247 17.66 -20.32 -27.86
N GLU A 248 16.45 -20.47 -27.31
CA GLU A 248 15.76 -21.74 -27.41
C GLU A 248 15.38 -22.05 -28.84
N GLY A 249 14.92 -21.03 -29.56
CA GLY A 249 14.66 -21.20 -30.98
C GLY A 249 15.90 -21.62 -31.74
N MET A 250 17.04 -20.97 -31.44
CA MET A 250 18.30 -21.32 -32.10
C MET A 250 18.68 -22.76 -31.85
N ALA A 251 18.50 -23.22 -30.63
CA ALA A 251 18.86 -24.60 -30.28
C ALA A 251 17.90 -25.60 -30.91
N ASN A 252 16.66 -25.18 -31.15
CA ASN A 252 15.66 -26.10 -31.67
C ASN A 252 14.64 -25.45 -32.60
N PRO A 253 15.09 -25.05 -33.78
CA PRO A 253 14.31 -24.20 -34.70
C PRO A 253 13.01 -24.85 -35.17
N ALA A 254 13.04 -26.14 -35.48
CA ALA A 254 11.86 -26.85 -35.96
C ALA A 254 10.69 -26.78 -34.98
N SER A 255 11.01 -26.66 -33.69
CA SER A 255 10.00 -26.54 -32.65
C SER A 255 9.29 -25.18 -32.72
N PHE A 256 9.91 -24.23 -33.41
CA PHE A 256 9.32 -22.91 -33.62
C PHE A 256 8.80 -22.77 -35.05
N GLY A 257 8.90 -23.83 -35.84
CA GLY A 257 8.46 -23.79 -37.22
C GLY A 257 9.47 -23.15 -38.16
N LEU A 258 10.68 -22.92 -37.66
CA LEU A 258 11.75 -22.38 -38.47
C LEU A 258 12.52 -23.50 -39.15
N ALA A 259 13.16 -23.20 -40.27
CA ALA A 259 13.99 -24.17 -40.99
C ALA A 259 15.23 -24.53 -40.18
N ALA A 260 15.41 -25.84 -39.96
CA ALA A 260 16.45 -26.32 -39.06
C ALA A 260 17.83 -26.39 -39.71
N ASP A 261 17.87 -26.26 -41.04
CA ASP A 261 19.12 -26.36 -41.78
C ASP A 261 19.66 -25.00 -42.23
N GLN A 262 19.11 -23.91 -41.71
CA GLN A 262 19.48 -22.58 -42.20
C GLN A 262 20.17 -21.72 -41.14
N ASN A 263 20.85 -20.70 -41.62
CA ASN A 263 21.49 -19.71 -40.76
C ASN A 263 20.48 -18.62 -40.45
N LEU A 264 19.80 -18.75 -39.32
CA LEU A 264 18.62 -17.94 -39.07
C LEU A 264 18.96 -16.58 -38.50
N ILE A 265 20.19 -16.43 -38.02
CA ILE A 265 20.58 -15.14 -37.47
C ILE A 265 21.33 -14.29 -38.49
N GLY A 266 21.99 -14.96 -39.45
CA GLY A 266 22.82 -14.27 -40.43
C GLY A 266 22.17 -14.08 -41.80
N THR A 267 20.99 -14.64 -42.02
CA THR A 267 20.29 -14.39 -43.28
C THR A 267 18.84 -14.00 -43.02
N CYS A 268 18.26 -13.31 -43.99
CA CYS A 268 16.93 -12.75 -43.89
C CYS A 268 16.15 -13.07 -45.13
N PHE A 269 14.87 -12.71 -45.11
CA PHE A 269 13.95 -13.04 -46.17
C PHE A 269 14.00 -12.03 -47.30
N SER A 270 14.06 -10.76 -46.95
CA SER A 270 13.90 -9.68 -47.92
C SER A 270 15.21 -9.24 -48.62
N GLY A 271 16.34 -9.40 -47.95
CA GLY A 271 17.60 -8.91 -48.49
C GLY A 271 17.88 -7.43 -48.26
N ASN A 272 16.99 -6.74 -47.56
CA ASN A 272 17.18 -5.32 -47.27
C ASN A 272 18.13 -5.08 -46.12
N GLY A 273 19.39 -4.72 -46.43
CA GLY A 273 20.37 -4.50 -45.39
C GLY A 273 20.89 -5.78 -44.76
N CYS A 274 20.83 -6.88 -45.51
CA CYS A 274 21.17 -8.20 -44.98
C CYS A 274 21.22 -9.24 -46.09
N THR A 275 21.94 -10.32 -45.85
CA THR A 275 22.04 -11.41 -46.80
C THR A 275 20.75 -12.20 -46.92
N MET A 276 20.11 -12.08 -48.08
CA MET A 276 18.94 -12.88 -48.38
C MET A 276 19.21 -14.36 -48.28
N ASN A 277 18.38 -15.08 -47.54
CA ASN A 277 18.47 -16.54 -47.56
C ASN A 277 18.27 -17.08 -48.99
N PRO A 278 19.23 -17.87 -49.48
CA PRO A 278 19.18 -18.44 -50.84
C PRO A 278 18.01 -19.39 -51.07
N THR A 279 17.61 -20.12 -50.04
CA THR A 279 16.52 -21.08 -50.20
C THR A 279 15.12 -20.47 -50.02
N TYR A 280 14.93 -19.72 -48.94
CA TYR A 280 13.59 -19.30 -48.50
C TYR A 280 13.40 -17.80 -48.64
N GLY A 281 14.45 -17.11 -49.07
CA GLY A 281 14.41 -15.67 -49.27
C GLY A 281 13.48 -15.27 -50.37
N ILE A 282 13.18 -13.98 -50.44
CA ILE A 282 12.15 -13.50 -51.36
C ILE A 282 12.46 -13.91 -52.82
N ASN A 283 13.75 -13.94 -53.17
CA ASN A 283 14.13 -14.42 -54.48
C ASN A 283 14.93 -15.70 -54.45
N GLY A 284 14.70 -16.52 -53.43
CA GLY A 284 15.35 -17.81 -53.34
C GLY A 284 14.63 -18.87 -54.17
N SER A 285 15.16 -20.09 -54.14
CA SER A 285 14.55 -21.22 -54.85
C SER A 285 13.13 -21.53 -54.42
N THR A 286 12.85 -21.44 -53.12
CA THR A 286 11.48 -21.66 -52.63
C THR A 286 11.13 -20.63 -51.58
N PRO A 287 10.78 -19.41 -52.02
CA PRO A 287 10.56 -18.35 -51.03
C PRO A 287 9.49 -18.74 -50.00
N ASP A 288 9.82 -18.53 -48.74
CA ASP A 288 8.88 -18.80 -47.68
C ASP A 288 9.36 -18.05 -46.45
N PRO A 289 8.73 -16.91 -46.15
CA PRO A 289 9.14 -16.10 -45.00
C PRO A 289 8.89 -16.86 -43.67
N SER A 290 7.92 -17.77 -43.66
CA SER A 290 7.58 -18.46 -42.42
C SER A 290 8.70 -19.40 -41.99
N LYS A 291 9.61 -19.68 -42.91
CA LYS A 291 10.72 -20.59 -42.62
C LYS A 291 11.90 -19.88 -42.01
N LEU A 292 11.81 -18.56 -41.96
CA LEU A 292 12.91 -17.74 -41.48
C LEU A 292 12.48 -16.92 -40.28
N LEU A 293 13.46 -16.43 -39.54
CA LEU A 293 13.22 -15.61 -38.37
C LEU A 293 13.20 -14.12 -38.73
N PHE A 294 14.20 -13.68 -39.49
CA PHE A 294 14.35 -12.26 -39.82
C PHE A 294 13.87 -11.88 -41.21
N ASN A 295 13.03 -10.87 -41.28
CA ASN A 295 12.58 -10.36 -42.57
C ASN A 295 13.65 -9.47 -43.22
N ASP A 296 14.24 -8.58 -42.41
CA ASP A 296 15.36 -7.77 -42.84
C ASP A 296 16.43 -7.83 -41.76
N SER A 297 17.18 -6.75 -41.56
CA SER A 297 18.34 -6.86 -40.66
C SER A 297 17.97 -6.98 -39.17
N VAL A 298 16.78 -6.52 -38.79
CA VAL A 298 16.37 -6.56 -37.39
C VAL A 298 14.93 -7.01 -37.17
N HIS A 299 14.09 -6.90 -38.19
CA HIS A 299 12.65 -7.17 -38.04
C HIS A 299 12.21 -8.61 -38.34
N PRO A 300 11.46 -9.20 -37.41
CA PRO A 300 11.02 -10.60 -37.49
C PRO A 300 9.99 -10.86 -38.59
N THR A 301 10.07 -12.03 -39.20
CA THR A 301 9.06 -12.48 -40.13
C THR A 301 7.74 -12.84 -39.42
N ILE A 302 6.75 -13.21 -40.22
CA ILE A 302 5.48 -13.67 -39.70
C ILE A 302 5.69 -14.74 -38.61
N THR A 303 6.66 -15.63 -38.82
CA THR A 303 6.92 -16.68 -37.83
C THR A 303 7.42 -16.12 -36.49
N GLY A 304 8.33 -15.14 -36.55
CA GLY A 304 8.77 -14.44 -35.36
C GLY A 304 7.64 -13.68 -34.68
N GLN A 305 6.77 -13.09 -35.47
CA GLN A 305 5.67 -12.32 -34.92
C GLN A 305 4.70 -13.24 -34.16
N ARG A 306 4.44 -14.41 -34.71
CA ARG A 306 3.57 -15.40 -34.07
C ARG A 306 4.16 -15.92 -32.78
N LEU A 307 5.45 -16.19 -32.81
CA LEU A 307 6.20 -16.61 -31.63
C LEU A 307 6.07 -15.62 -30.50
N ILE A 308 6.22 -14.34 -30.81
CA ILE A 308 6.16 -13.32 -29.79
C ILE A 308 4.74 -13.27 -29.23
N ALA A 309 3.75 -13.30 -30.12
CA ALA A 309 2.34 -13.30 -29.71
C ALA A 309 2.01 -14.52 -28.84
N ASP A 310 2.40 -15.71 -29.32
CA ASP A 310 2.16 -16.96 -28.61
C ASP A 310 2.87 -17.02 -27.27
N TYR A 311 4.07 -16.46 -27.22
CA TYR A 311 4.86 -16.40 -25.99
C TYR A 311 4.13 -15.55 -24.96
N THR A 312 3.65 -14.38 -25.37
CA THR A 312 2.96 -13.49 -24.47
C THR A 312 1.66 -14.14 -24.00
N TYR A 313 0.98 -14.80 -24.93
CA TYR A 313 -0.28 -15.44 -24.64
C TYR A 313 -0.10 -16.57 -23.61
N SER A 314 0.98 -17.32 -23.73
CA SER A 314 1.21 -18.45 -22.85
C SER A 314 1.35 -17.96 -21.43
N LEU A 315 1.98 -16.80 -21.28
CA LEU A 315 2.16 -16.22 -19.96
C LEU A 315 0.82 -15.71 -19.45
N LEU A 316 0.08 -15.05 -20.33
CA LEU A 316 -1.17 -14.42 -19.95
C LEU A 316 -2.26 -15.45 -19.63
N SER A 317 -2.17 -16.62 -20.25
CA SER A 317 -3.24 -17.59 -20.21
C SER A 317 -3.06 -18.59 -19.06
N ALA A 318 -1.89 -18.54 -18.45
CA ALA A 318 -1.53 -19.41 -17.36
C ALA A 318 -2.49 -19.29 -16.15
N PRO A 319 -2.76 -18.06 -15.69
CA PRO A 319 -3.65 -17.96 -14.53
C PRO A 319 -5.06 -18.47 -14.82
N TRP A 320 -5.46 -18.54 -16.09
CA TRP A 320 -6.81 -18.97 -16.42
C TRP A 320 -6.98 -20.46 -16.10
N GLU A 321 -5.85 -21.14 -15.95
CA GLU A 321 -5.86 -22.57 -15.64
C GLU A 321 -5.43 -22.84 -14.20
N LEU A 322 -4.32 -22.24 -13.79
CA LEU A 322 -3.85 -22.39 -12.40
C LEU A 322 -4.92 -22.03 -11.35
N THR A 323 -5.83 -21.17 -11.73
CA THR A 323 -6.81 -20.65 -10.78
C THR A 323 -7.97 -21.64 -10.69
N LEU A 324 -7.96 -22.62 -11.57
CA LEU A 324 -8.92 -23.72 -11.54
C LEU A 324 -8.57 -24.79 -10.50
N LEU A 325 -7.34 -24.78 -10.00
CA LEU A 325 -6.90 -25.81 -9.05
C LEU A 325 -7.69 -25.84 -7.73
N PRO A 326 -7.89 -24.67 -7.10
CA PRO A 326 -8.75 -24.69 -5.91
C PRO A 326 -10.15 -25.13 -6.24
N GLU A 327 -10.61 -24.89 -7.47
CA GLU A 327 -11.95 -25.31 -7.85
C GLU A 327 -12.09 -26.82 -8.02
N MET A 328 -10.97 -27.50 -8.26
CA MET A 328 -11.00 -28.96 -8.33
C MET A 328 -11.31 -29.50 -6.94
N ALA A 329 -10.68 -28.90 -5.93
CA ALA A 329 -10.83 -29.35 -4.56
C ALA A 329 -12.22 -29.01 -3.99
N HIS A 330 -12.73 -27.81 -4.28
CA HIS A 330 -14.10 -27.48 -3.94
C HIS A 330 -15.04 -28.49 -4.59
N GLY A 331 -14.71 -28.88 -5.82
CA GLY A 331 -15.49 -29.87 -6.54
C GLY A 331 -15.55 -31.22 -5.82
N THR A 332 -14.39 -31.76 -5.47
CA THR A 332 -14.33 -33.04 -4.76
C THR A 332 -14.88 -32.94 -3.34
N LEU A 333 -14.69 -31.79 -2.70
CA LEU A 333 -15.21 -31.55 -1.36
C LEU A 333 -16.72 -31.63 -1.36
N ARG A 334 -17.31 -31.01 -2.39
CA ARG A 334 -18.77 -30.98 -2.50
C ARG A 334 -19.36 -32.33 -2.86
N ALA A 335 -18.61 -33.13 -3.60
CA ALA A 335 -19.05 -34.46 -3.99
C ALA A 335 -19.00 -35.37 -2.77
N TYR A 336 -17.92 -35.23 -2.01
CA TYR A 336 -17.73 -35.86 -0.71
C TYR A 336 -18.90 -35.56 0.23
N GLN A 337 -19.26 -34.28 0.31
CA GLN A 337 -20.38 -33.87 1.15
C GLN A 337 -21.71 -34.43 0.65
N ASP A 338 -21.88 -34.49 -0.67
CA ASP A 338 -23.08 -35.09 -1.25
C ASP A 338 -23.23 -36.56 -0.88
N GLU A 339 -22.11 -37.26 -0.84
CA GLU A 339 -22.12 -38.69 -0.55
C GLU A 339 -22.52 -38.93 0.90
N LEU A 340 -22.06 -38.03 1.78
CA LEU A 340 -22.43 -38.09 3.19
C LEU A 340 -23.89 -37.77 3.39
N ARG A 341 -24.37 -36.75 2.69
CA ARG A 341 -25.76 -36.32 2.81
C ARG A 341 -26.70 -37.43 2.36
N SER A 342 -26.26 -38.15 1.34
CA SER A 342 -27.01 -39.29 0.81
C SER A 342 -27.22 -40.33 1.92
N GLN A 343 -26.18 -40.57 2.72
CA GLN A 343 -26.26 -41.50 3.85
C GLN A 343 -27.24 -40.98 4.91
N TRP A 344 -27.18 -39.68 5.16
CA TRP A 344 -28.07 -39.04 6.12
C TRP A 344 -29.52 -39.10 5.66
N GLN A 345 -29.75 -38.94 4.36
CA GLN A 345 -31.11 -38.97 3.84
C GLN A 345 -31.70 -40.38 3.87
N ALA A 346 -30.83 -41.36 3.66
CA ALA A 346 -31.24 -42.75 3.80
C ALA A 346 -31.52 -43.06 5.28
N ASP A 347 -30.81 -42.34 6.16
CA ASP A 347 -30.93 -42.51 7.60
C ASP A 347 -32.04 -41.66 8.20
N TRP A 348 -32.49 -40.66 7.44
CA TRP A 348 -33.49 -39.72 7.92
C TRP A 348 -34.73 -40.43 8.48
N GLU A 349 -35.09 -40.11 9.73
CA GLU A 349 -36.21 -40.79 10.42
C GLU A 349 -36.06 -42.30 10.36
N ASN A 350 -34.87 -42.80 10.66
CA ASN A 350 -34.57 -44.21 10.42
C ASN A 350 -33.17 -44.55 10.94
N TRP A 351 -32.84 -44.01 12.11
CA TRP A 351 -31.52 -44.22 12.70
C TRP A 351 -31.37 -45.61 13.29
N GLN A 352 -30.12 -45.99 13.56
CA GLN A 352 -29.85 -47.24 14.26
C GLN A 352 -30.39 -47.15 15.68
N ASN A 353 -30.31 -48.23 16.44
CA ASN A 353 -30.73 -48.18 17.83
C ASN A 353 -29.79 -47.30 18.64
N VAL A 354 -30.28 -46.79 19.77
CA VAL A 354 -29.43 -46.05 20.69
C VAL A 354 -28.24 -46.93 21.09
N GLY A 355 -27.16 -46.32 21.41
CA GLY A 355 -25.82 -46.87 21.42
C GLY A 355 -25.16 -47.63 20.37
N GLN A 356 -25.67 -47.67 19.14
CA GLN A 356 -25.08 -48.51 18.11
C GLN A 356 -24.62 -47.84 16.81
N TRP A 357 -23.32 -47.91 16.54
CA TRP A 357 -22.75 -47.69 15.29
C TRP A 357 -23.38 -48.18 14.05
N ARG A 358 -23.56 -47.31 13.09
CA ARG A 358 -23.93 -47.59 11.71
C ARG A 358 -22.81 -47.12 10.78
N GLY A 359 -22.21 -48.08 10.07
CA GLY A 359 -21.06 -47.79 9.23
C GLY A 359 -21.38 -48.01 7.77
N PHE A 360 -20.59 -47.39 6.91
CA PHE A 360 -20.79 -47.53 5.48
C PHE A 360 -19.47 -47.44 4.75
N VAL A 361 -19.39 -48.16 3.64
CA VAL A 361 -18.29 -48.00 2.73
C VAL A 361 -18.90 -47.90 1.35
N GLY A 362 -18.26 -47.11 0.50
CA GLY A 362 -18.79 -46.88 -0.83
C GLY A 362 -17.78 -46.10 -1.64
N GLY A 363 -18.16 -45.84 -2.88
CA GLY A 363 -17.32 -45.08 -3.77
C GLY A 363 -18.18 -44.61 -4.91
N GLY A 364 -17.54 -44.01 -5.90
CA GLY A 364 -18.29 -43.51 -7.02
C GLY A 364 -17.40 -42.70 -7.89
N GLY A 365 -18.04 -42.05 -8.85
CA GLY A 365 -17.32 -41.25 -9.80
C GLY A 365 -17.87 -39.85 -9.76
N GLN A 366 -17.09 -38.91 -10.26
CA GLN A 366 -17.55 -37.55 -10.36
C GLN A 366 -17.01 -36.91 -11.64
N ARG A 367 -17.76 -35.92 -12.14
CA ARG A 367 -17.33 -35.17 -13.29
C ARG A 367 -17.41 -33.68 -13.02
N LEU A 368 -16.34 -32.97 -13.42
CA LEU A 368 -16.27 -31.51 -13.32
C LEU A 368 -16.29 -30.87 -14.71
N ASP A 369 -17.08 -29.83 -14.87
CA ASP A 369 -17.25 -29.21 -16.18
C ASP A 369 -17.32 -27.69 -16.06
N PHE A 370 -16.21 -27.03 -16.41
CA PHE A 370 -16.15 -25.58 -16.35
C PHE A 370 -16.24 -24.96 -17.74
N ASP A 371 -17.08 -23.93 -17.86
CA ASP A 371 -17.16 -23.12 -19.07
C ASP A 371 -16.18 -21.96 -18.93
N SER A 372 -15.69 -21.47 -20.07
CA SER A 372 -14.77 -20.33 -20.08
C SER A 372 -15.39 -19.07 -19.45
N GLN A 373 -14.56 -18.29 -18.75
CA GLN A 373 -14.95 -16.97 -18.25
C GLN A 373 -14.01 -15.95 -18.86
N ASP A 374 -14.15 -14.70 -18.46
CA ASP A 374 -13.28 -13.63 -18.92
C ASP A 374 -11.83 -13.91 -18.55
N SER A 375 -11.61 -14.39 -17.32
CA SER A 375 -10.26 -14.79 -16.90
C SER A 375 -10.15 -16.23 -16.40
N ALA A 376 -10.90 -17.14 -17.00
CA ALA A 376 -10.81 -18.55 -16.63
C ALA A 376 -11.03 -19.48 -17.80
N ALA A 377 -10.19 -20.50 -17.90
CA ALA A 377 -10.22 -21.45 -19.00
C ALA A 377 -11.41 -22.41 -18.90
N SER A 378 -11.89 -22.87 -20.04
CA SER A 378 -12.87 -23.92 -20.01
C SER A 378 -12.11 -25.19 -19.67
N GLY A 379 -12.76 -26.14 -19.02
CA GLY A 379 -12.08 -27.37 -18.66
C GLY A 379 -13.09 -28.40 -18.20
N ASP A 380 -12.68 -29.66 -18.23
CA ASP A 380 -13.55 -30.74 -17.82
C ASP A 380 -12.70 -31.96 -17.49
N GLY A 381 -13.26 -32.86 -16.69
CA GLY A 381 -12.52 -34.04 -16.28
C GLY A 381 -13.29 -34.96 -15.34
N ASN A 382 -12.92 -36.23 -15.40
CA ASN A 382 -13.52 -37.26 -14.57
C ASN A 382 -12.66 -37.60 -13.35
N GLY A 383 -13.31 -38.15 -12.33
CA GLY A 383 -12.64 -38.63 -11.14
C GLY A 383 -13.42 -39.75 -10.47
N TYR A 384 -12.80 -40.38 -9.48
CA TYR A 384 -13.44 -41.44 -8.72
C TYR A 384 -13.11 -41.25 -7.25
N ASN A 385 -13.78 -42.01 -6.39
CA ASN A 385 -13.59 -41.83 -4.97
C ASN A 385 -13.93 -43.06 -4.15
N LEU A 386 -13.32 -43.14 -2.98
CA LEU A 386 -13.69 -44.13 -1.99
C LEU A 386 -14.05 -43.36 -0.72
N THR A 387 -15.21 -43.66 -0.16
CA THR A 387 -15.65 -43.00 1.06
C THR A 387 -16.16 -44.01 2.06
N LEU A 388 -15.77 -43.83 3.31
CA LEU A 388 -16.29 -44.64 4.38
C LEU A 388 -16.56 -43.78 5.61
N GLY A 389 -17.39 -44.30 6.51
CA GLY A 389 -17.75 -43.53 7.68
C GLY A 389 -18.57 -44.34 8.66
N GLY A 390 -18.94 -43.70 9.75
CA GLY A 390 -19.74 -44.33 10.78
C GLY A 390 -20.34 -43.31 11.72
N SER A 391 -21.59 -43.56 12.12
CA SER A 391 -22.22 -42.72 13.11
C SER A 391 -22.59 -43.55 14.33
N TYR A 392 -22.65 -42.88 15.47
CA TYR A 392 -23.04 -43.53 16.69
C TYR A 392 -24.26 -42.79 17.25
N ARG A 393 -25.33 -43.53 17.49
CA ARG A 393 -26.51 -42.91 18.08
C ARG A 393 -26.32 -42.75 19.58
N ILE A 394 -26.08 -41.51 20.00
CA ILE A 394 -25.80 -41.21 21.38
C ILE A 394 -27.04 -41.33 22.23
N ASP A 395 -28.18 -41.07 21.59
CA ASP A 395 -29.34 -40.60 22.31
C ASP A 395 -30.56 -40.82 21.43
N GLU A 396 -31.73 -40.41 21.92
CA GLU A 396 -32.93 -40.46 21.10
C GLU A 396 -32.84 -39.44 19.97
N ALA A 397 -32.38 -38.24 20.29
CA ALA A 397 -32.44 -37.11 19.37
C ALA A 397 -31.08 -36.73 18.79
N TRP A 398 -30.02 -37.36 19.28
CA TRP A 398 -28.67 -36.99 18.89
C TRP A 398 -27.88 -38.13 18.26
N ARG A 399 -26.95 -37.74 17.40
CA ARG A 399 -26.10 -38.69 16.71
C ARG A 399 -24.81 -37.98 16.37
N ALA A 400 -23.69 -38.65 16.54
CA ALA A 400 -22.40 -38.10 16.11
C ALA A 400 -21.63 -39.15 15.32
N GLY A 401 -20.75 -38.69 14.43
CA GLY A 401 -19.98 -39.62 13.63
C GLY A 401 -18.76 -39.00 12.97
N VAL A 402 -18.05 -39.81 12.20
CA VAL A 402 -16.89 -39.34 11.44
C VAL A 402 -16.89 -40.03 10.09
N ALA A 403 -16.20 -39.43 9.13
CA ALA A 403 -16.11 -39.97 7.79
C ALA A 403 -14.79 -39.62 7.12
N ALA A 404 -14.46 -40.34 6.07
CA ALA A 404 -13.22 -40.11 5.35
C ALA A 404 -13.46 -40.45 3.91
N GLY A 405 -12.80 -39.68 3.03
CA GLY A 405 -12.93 -39.87 1.60
C GLY A 405 -11.61 -39.68 0.89
N PHE A 406 -11.33 -40.57 -0.06
CA PHE A 406 -10.22 -40.39 -0.96
C PHE A 406 -10.74 -40.08 -2.35
N TYR A 407 -10.27 -38.99 -2.92
CA TYR A 407 -10.74 -38.56 -4.23
C TYR A 407 -9.60 -38.35 -5.21
N ARG A 408 -9.75 -38.94 -6.39
CA ARG A 408 -8.80 -38.73 -7.48
C ARG A 408 -9.54 -37.95 -8.54
N GLN A 409 -9.03 -36.77 -8.89
CA GLN A 409 -9.67 -35.91 -9.89
C GLN A 409 -8.71 -35.44 -10.97
N LYS A 410 -9.10 -35.60 -12.23
CA LYS A 410 -8.29 -35.02 -13.30
C LYS A 410 -9.08 -33.94 -14.01
N LEU A 411 -8.35 -33.00 -14.62
CA LEU A 411 -8.96 -31.94 -15.37
C LEU A 411 -8.13 -31.63 -16.61
N GLU A 412 -8.81 -31.49 -17.75
CA GLU A 412 -8.19 -31.00 -18.98
C GLU A 412 -8.73 -29.61 -19.25
N ALA A 413 -7.83 -28.63 -19.26
CA ALA A 413 -8.24 -27.25 -19.42
C ALA A 413 -7.38 -26.51 -20.42
N GLY A 414 -7.97 -25.48 -21.04
CA GLY A 414 -7.24 -24.58 -21.91
C GLY A 414 -7.18 -25.05 -23.34
N ALA A 415 -6.61 -24.21 -24.19
CA ALA A 415 -6.53 -24.47 -25.62
C ALA A 415 -5.84 -25.79 -25.97
N LYS A 416 -4.89 -26.22 -25.17
CA LYS A 416 -4.10 -27.40 -25.53
C LYS A 416 -4.32 -28.59 -24.61
N ASP A 417 -5.44 -28.52 -23.87
CA ASP A 417 -5.80 -29.58 -22.94
C ASP A 417 -4.72 -29.80 -21.91
N SER A 418 -4.31 -28.72 -21.24
CA SER A 418 -3.42 -28.86 -20.11
C SER A 418 -4.02 -29.92 -19.20
N ASP A 419 -3.14 -30.67 -18.55
CA ASP A 419 -3.54 -31.85 -17.83
C ASP A 419 -3.19 -31.70 -16.34
N TYR A 420 -4.22 -31.67 -15.50
CA TYR A 420 -4.04 -31.44 -14.06
C TYR A 420 -4.70 -32.54 -13.25
N ARG A 421 -3.93 -33.14 -12.35
CA ARG A 421 -4.42 -34.26 -11.56
C ARG A 421 -4.23 -34.02 -10.06
N MET A 422 -5.22 -34.45 -9.30
CA MET A 422 -5.27 -34.14 -7.87
C MET A 422 -5.74 -35.32 -7.01
N ASN A 423 -5.04 -35.52 -5.91
CA ASN A 423 -5.48 -36.45 -4.87
C ASN A 423 -5.99 -35.69 -3.66
N SER A 424 -7.24 -35.93 -3.28
CA SER A 424 -7.80 -35.27 -2.10
C SER A 424 -8.13 -36.26 -1.01
N TYR A 425 -7.57 -36.02 0.17
CA TYR A 425 -7.84 -36.84 1.35
C TYR A 425 -8.67 -36.04 2.34
N MET A 426 -9.95 -36.37 2.50
CA MET A 426 -10.77 -35.64 3.45
C MET A 426 -11.27 -36.50 4.61
N ALA A 427 -11.52 -35.84 5.74
CA ALA A 427 -12.15 -36.47 6.88
C ALA A 427 -13.05 -35.46 7.56
N SER A 428 -14.05 -35.95 8.29
CA SER A 428 -14.92 -35.05 9.04
C SER A 428 -15.47 -35.64 10.31
N ALA A 429 -15.87 -34.75 11.20
CA ALA A 429 -16.63 -35.11 12.37
C ALA A 429 -17.93 -34.36 12.23
N PHE A 430 -19.04 -35.02 12.55
CA PHE A 430 -20.35 -34.41 12.39
C PHE A 430 -21.27 -34.74 13.55
N VAL A 431 -22.30 -33.92 13.70
CA VAL A 431 -23.30 -34.11 14.73
C VAL A 431 -24.68 -33.90 14.11
N GLN A 432 -25.66 -34.64 14.62
CA GLN A 432 -27.01 -34.59 14.07
C GLN A 432 -28.05 -34.54 15.16
N TYR A 433 -29.13 -33.84 14.87
CA TYR A 433 -30.27 -33.74 15.78
C TYR A 433 -31.56 -33.98 15.02
N GLN A 434 -32.42 -34.82 15.56
CA GLN A 434 -33.78 -34.91 15.04
C GLN A 434 -34.75 -35.28 16.15
N GLU A 435 -35.70 -34.38 16.38
CA GLU A 435 -36.68 -34.54 17.43
C GLU A 435 -37.93 -33.76 17.04
N ASN A 436 -39.09 -34.41 17.12
CA ASN A 436 -40.37 -33.73 16.99
C ASN A 436 -40.52 -32.91 15.69
N ARG A 437 -40.12 -33.51 14.57
CA ARG A 437 -40.22 -32.88 13.24
C ARG A 437 -39.10 -31.87 12.94
N TRP A 438 -38.30 -31.56 13.95
CA TRP A 438 -37.14 -30.71 13.74
C TRP A 438 -35.91 -31.58 13.47
N TRP A 439 -35.04 -31.11 12.57
CA TRP A 439 -33.77 -31.79 12.34
C TRP A 439 -32.65 -30.81 11.91
N ALA A 440 -31.41 -31.17 12.22
CA ALA A 440 -30.29 -30.28 11.99
C ALA A 440 -28.96 -31.03 11.83
N ASP A 441 -28.11 -30.54 10.95
CA ASP A 441 -26.81 -31.16 10.68
C ASP A 441 -25.67 -30.17 10.90
N ALA A 442 -24.53 -30.68 11.34
CA ALA A 442 -23.34 -29.87 11.51
C ALA A 442 -22.11 -30.73 11.29
N ALA A 443 -21.19 -30.24 10.46
CA ALA A 443 -20.05 -31.04 10.05
C ALA A 443 -18.79 -30.20 9.91
N LEU A 444 -17.73 -30.66 10.56
CA LEU A 444 -16.43 -30.04 10.41
C LEU A 444 -15.56 -30.97 9.59
N THR A 445 -15.04 -30.47 8.48
CA THR A 445 -14.26 -31.27 7.55
C THR A 445 -12.87 -30.69 7.33
N GLY A 446 -11.87 -31.56 7.27
CA GLY A 446 -10.53 -31.15 6.89
C GLY A 446 -10.03 -32.00 5.74
N GLY A 447 -9.01 -31.52 5.05
CA GLY A 447 -8.49 -32.23 3.90
C GLY A 447 -7.07 -31.88 3.52
N TYR A 448 -6.33 -32.86 3.02
CA TYR A 448 -5.02 -32.62 2.45
C TYR A 448 -5.06 -32.86 0.94
N LEU A 449 -4.37 -32.00 0.19
CA LEU A 449 -4.39 -32.05 -1.26
C LEU A 449 -3.01 -32.32 -1.86
N ASP A 450 -2.92 -33.38 -2.65
CA ASP A 450 -1.70 -33.68 -3.39
C ASP A 450 -1.96 -33.47 -4.88
N TYR A 451 -1.48 -32.35 -5.41
CA TYR A 451 -1.55 -32.11 -6.83
C TYR A 451 -0.33 -32.74 -7.49
N ASP A 452 -0.44 -34.03 -7.78
CA ASP A 452 0.73 -34.84 -8.11
C ASP A 452 1.21 -34.66 -9.56
N ASP A 453 0.34 -34.16 -10.44
CA ASP A 453 0.69 -34.00 -11.84
C ASP A 453 0.06 -32.77 -12.45
N LEU A 454 0.89 -31.76 -12.69
CA LEU A 454 0.44 -30.48 -13.23
C LEU A 454 1.16 -30.21 -14.55
N LYS A 455 0.51 -30.53 -15.67
CA LYS A 455 1.13 -30.35 -16.99
C LYS A 455 0.43 -29.27 -17.83
N ARG A 456 1.02 -28.08 -17.84
CA ARG A 456 0.44 -26.93 -18.53
C ARG A 456 0.92 -26.87 -19.97
N LYS A 457 -0.04 -26.86 -20.89
CA LYS A 457 0.25 -26.89 -22.30
C LYS A 457 -0.29 -25.63 -22.96
N PHE A 458 0.42 -25.16 -23.98
CA PHE A 458 0.05 -23.94 -24.70
C PHE A 458 0.60 -23.97 -26.11
N ALA A 459 -0.01 -23.18 -26.99
CA ALA A 459 0.43 -23.13 -28.37
C ALA A 459 1.76 -22.39 -28.44
N LEU A 460 2.66 -22.91 -29.25
CA LEU A 460 3.91 -22.24 -29.52
C LEU A 460 4.56 -22.87 -30.73
N GLY A 461 5.14 -22.03 -31.58
CA GLY A 461 5.83 -22.46 -32.78
C GLY A 461 5.04 -23.30 -33.76
N GLY A 462 3.73 -23.05 -33.82
CA GLY A 462 2.85 -23.86 -34.65
C GLY A 462 2.59 -25.24 -34.05
N GLY A 463 3.26 -25.56 -32.95
CA GLY A 463 2.95 -26.78 -32.22
C GLY A 463 2.49 -26.44 -30.82
N GLU A 464 3.02 -27.14 -29.83
CA GLU A 464 2.73 -26.80 -28.45
C GLU A 464 3.93 -27.07 -27.55
N ARG A 465 4.02 -26.33 -26.45
CA ARG A 465 5.02 -26.57 -25.43
C ARG A 465 4.30 -26.87 -24.12
N SER A 466 4.95 -27.62 -23.25
CA SER A 466 4.38 -27.89 -21.94
C SER A 466 5.37 -27.55 -20.82
N GLU A 467 4.83 -27.08 -19.69
CA GLU A 467 5.62 -26.87 -18.49
C GLU A 467 4.97 -27.70 -17.37
N LYS A 468 5.79 -28.26 -16.49
CA LYS A 468 5.32 -29.26 -15.55
C LYS A 468 5.67 -28.91 -14.11
N GLY A 469 4.80 -29.34 -13.21
CA GLY A 469 4.99 -29.11 -11.80
C GLY A 469 4.11 -30.02 -10.96
N ASP A 470 4.19 -29.85 -9.65
CA ASP A 470 3.32 -30.55 -8.74
C ASP A 470 3.31 -29.72 -7.48
N THR A 471 2.22 -29.82 -6.71
CA THR A 471 2.12 -29.00 -5.52
C THR A 471 1.24 -29.66 -4.45
N ASN A 472 1.07 -28.96 -3.35
CA ASN A 472 0.26 -29.46 -2.23
C ASN A 472 -0.70 -28.39 -1.80
N GLY A 473 -1.69 -28.79 -1.03
CA GLY A 473 -2.67 -27.86 -0.51
C GLY A 473 -3.43 -28.52 0.62
N HIS A 474 -4.40 -27.80 1.15
CA HIS A 474 -5.23 -28.30 2.22
C HIS A 474 -6.52 -27.51 2.24
N LEU A 475 -7.53 -28.05 2.92
CA LEU A 475 -8.82 -27.38 3.01
C LEU A 475 -9.45 -27.66 4.35
N TRP A 476 -10.33 -26.75 4.76
CA TRP A 476 -11.20 -27.04 5.88
C TRP A 476 -12.59 -26.46 5.58
N ALA A 477 -13.61 -27.13 6.11
CA ALA A 477 -14.99 -26.73 5.84
C ALA A 477 -15.90 -26.96 7.04
N PHE A 478 -16.89 -26.10 7.17
CA PHE A 478 -18.00 -26.36 8.08
C PHE A 478 -19.29 -26.29 7.29
N SER A 479 -20.18 -27.26 7.53
CA SER A 479 -21.50 -27.24 6.91
C SER A 479 -22.58 -27.49 7.96
N ALA A 480 -23.69 -26.76 7.82
CA ALA A 480 -24.81 -26.93 8.72
C ALA A 480 -26.10 -26.72 7.95
N ARG A 481 -27.17 -27.32 8.45
CA ARG A 481 -28.48 -27.11 7.84
C ARG A 481 -29.56 -27.49 8.81
N LEU A 482 -30.76 -27.01 8.53
CA LEU A 482 -31.86 -27.14 9.47
C LEU A 482 -33.18 -27.23 8.74
N GLY A 483 -34.07 -28.08 9.24
CA GLY A 483 -35.35 -28.29 8.57
C GLY A 483 -36.47 -28.73 9.49
N TYR A 484 -37.69 -28.67 8.97
CA TYR A 484 -38.88 -29.07 9.72
C TYR A 484 -39.76 -29.95 8.86
N ASP A 485 -40.01 -31.17 9.34
CA ASP A 485 -40.74 -32.17 8.57
C ASP A 485 -42.22 -31.80 8.43
N ILE A 486 -42.69 -31.83 7.19
CA ILE A 486 -44.08 -31.55 6.86
C ILE A 486 -44.99 -32.72 7.25
N ALA A 487 -44.42 -33.92 7.30
CA ALA A 487 -45.13 -35.06 7.86
C ALA A 487 -45.23 -34.90 9.39
N GLN A 488 -46.45 -35.03 9.94
CA GLN A 488 -46.66 -34.84 11.38
C GLN A 488 -46.21 -36.05 12.17
N GLN A 489 -45.79 -37.05 11.41
CA GLN A 489 -45.85 -38.45 11.78
C GLN A 489 -44.47 -39.11 11.69
N ALA A 490 -43.82 -39.35 12.82
CA ALA A 490 -42.45 -39.90 12.77
C ALA A 490 -42.40 -41.31 12.17
N ASP A 491 -43.56 -41.94 11.99
CA ASP A 491 -43.64 -43.24 11.33
C ASP A 491 -44.32 -43.14 9.96
N SER A 492 -44.49 -41.91 9.48
CA SER A 492 -44.95 -41.68 8.13
C SER A 492 -44.04 -42.39 7.14
N PRO A 493 -44.61 -42.93 6.05
CA PRO A 493 -43.85 -43.60 4.99
C PRO A 493 -43.08 -42.58 4.15
N TRP A 494 -43.56 -41.34 4.18
CA TRP A 494 -42.92 -40.28 3.45
C TRP A 494 -42.59 -39.14 4.41
N HIS A 495 -41.51 -38.42 4.13
CA HIS A 495 -41.14 -37.24 4.89
C HIS A 495 -40.78 -36.18 3.89
N LEU A 496 -41.11 -34.93 4.23
CA LEU A 496 -40.91 -33.82 3.31
C LEU A 496 -40.51 -32.62 4.14
N SER A 497 -39.36 -32.04 3.82
CA SER A 497 -38.79 -31.03 4.71
C SER A 497 -38.05 -29.93 3.96
N PRO A 498 -38.54 -28.69 4.13
CA PRO A 498 -37.82 -27.50 3.69
C PRO A 498 -36.64 -27.29 4.64
N PHE A 499 -35.54 -26.73 4.13
CA PHE A 499 -34.40 -26.48 4.99
C PHE A 499 -33.58 -25.28 4.56
N VAL A 500 -32.77 -24.78 5.49
CA VAL A 500 -31.79 -23.77 5.17
C VAL A 500 -30.43 -24.33 5.48
N SER A 501 -29.44 -23.98 4.66
CA SER A 501 -28.08 -24.43 4.85
C SER A 501 -27.09 -23.28 4.95
N ALA A 502 -25.97 -23.54 5.61
CA ALA A 502 -24.85 -22.62 5.64
C ALA A 502 -23.57 -23.40 5.44
N ASP A 503 -22.65 -22.81 4.67
CA ASP A 503 -21.41 -23.48 4.32
C ASP A 503 -20.25 -22.53 4.31
N TYR A 504 -19.17 -22.91 4.98
CA TYR A 504 -17.91 -22.24 4.77
C TYR A 504 -16.89 -23.28 4.34
N ALA A 505 -16.02 -22.87 3.43
CA ALA A 505 -14.98 -23.75 2.90
C ALA A 505 -13.82 -22.91 2.42
N ARG A 506 -12.65 -23.15 3.01
CA ARG A 506 -11.43 -22.50 2.55
C ARG A 506 -10.51 -23.53 1.92
N VAL A 507 -10.25 -23.37 0.62
CA VAL A 507 -9.27 -24.21 -0.07
C VAL A 507 -7.98 -23.43 -0.32
N GLU A 508 -6.85 -24.03 0.02
CA GLU A 508 -5.58 -23.38 -0.23
C GLU A 508 -4.59 -24.31 -0.95
N VAL A 509 -4.10 -23.87 -2.10
CA VAL A 509 -3.08 -24.66 -2.78
C VAL A 509 -1.75 -23.91 -2.81
N ASP A 510 -0.71 -24.59 -2.32
CA ASP A 510 0.62 -24.00 -2.23
C ASP A 510 1.14 -23.56 -3.59
N GLY A 511 1.86 -22.45 -3.61
CA GLY A 511 2.55 -22.06 -4.80
C GLY A 511 3.59 -23.10 -5.15
N TYR A 512 4.07 -23.05 -6.38
CA TYR A 512 5.15 -23.92 -6.81
C TYR A 512 5.84 -23.37 -8.06
N SER A 513 6.99 -23.94 -8.36
CA SER A 513 7.80 -23.50 -9.48
C SER A 513 7.83 -24.62 -10.52
N GLU A 514 7.37 -24.33 -11.73
CA GLU A 514 7.45 -25.28 -12.82
C GLU A 514 8.91 -25.70 -13.00
N LYS A 515 9.11 -26.96 -13.40
CA LYS A 515 10.46 -27.52 -13.48
C LYS A 515 11.28 -26.76 -14.50
N GLY A 516 12.59 -26.63 -14.23
CA GLY A 516 13.51 -25.96 -15.12
C GLY A 516 13.34 -24.45 -15.18
N ALA A 517 13.90 -23.84 -16.20
CA ALA A 517 13.92 -22.38 -16.29
C ALA A 517 13.90 -21.90 -17.73
N SER A 518 13.06 -22.54 -18.54
CA SER A 518 12.78 -22.10 -19.89
C SER A 518 12.23 -20.68 -19.86
N ALA A 519 12.11 -20.06 -21.03
CA ALA A 519 11.61 -18.70 -21.12
C ALA A 519 10.12 -18.65 -20.77
N THR A 520 9.44 -19.79 -20.87
CA THR A 520 8.00 -19.85 -20.59
C THR A 520 7.65 -20.37 -19.20
N ALA A 521 8.65 -20.83 -18.46
CA ALA A 521 8.43 -21.45 -17.15
C ALA A 521 8.01 -20.46 -16.06
N LEU A 522 6.94 -20.80 -15.34
CA LEU A 522 6.41 -19.91 -14.33
C LEU A 522 6.56 -20.42 -12.91
N ASP A 523 6.66 -19.46 -11.98
CA ASP A 523 6.68 -19.74 -10.57
C ASP A 523 5.44 -19.09 -9.93
N TYR A 524 4.62 -19.88 -9.26
CA TYR A 524 3.35 -19.38 -8.72
C TYR A 524 3.34 -19.19 -7.22
N ASP A 525 2.56 -18.22 -6.77
CA ASP A 525 2.38 -17.97 -5.36
C ASP A 525 1.35 -18.93 -4.76
N ASP A 526 1.28 -18.93 -3.43
CA ASP A 526 0.21 -19.62 -2.75
C ASP A 526 -1.12 -19.12 -3.26
N GLN A 527 -2.09 -20.02 -3.32
CA GLN A 527 -3.41 -19.69 -3.83
C GLN A 527 -4.44 -20.06 -2.76
N LYS A 528 -5.40 -19.18 -2.51
CA LYS A 528 -6.50 -19.57 -1.65
C LYS A 528 -7.85 -19.04 -2.13
N ARG A 529 -8.88 -19.85 -1.93
CA ARG A 529 -10.22 -19.49 -2.38
C ARG A 529 -11.29 -19.96 -1.39
N SER A 530 -12.05 -19.00 -0.89
CA SER A 530 -13.03 -19.25 0.15
C SER A 530 -14.41 -19.26 -0.43
N SER A 531 -15.27 -20.09 0.15
CA SER A 531 -16.67 -20.12 -0.24
C SER A 531 -17.55 -19.87 0.97
N LYS A 532 -18.43 -18.87 0.86
CA LYS A 532 -19.46 -18.62 1.88
C LYS A 532 -20.83 -18.73 1.23
N ARG A 533 -21.59 -19.76 1.61
CA ARG A 533 -22.87 -20.02 0.97
C ARG A 533 -24.01 -20.13 1.98
N LEU A 534 -25.14 -19.52 1.63
CA LEU A 534 -26.39 -19.72 2.33
C LEU A 534 -27.37 -20.35 1.37
N GLY A 535 -28.09 -21.37 1.84
CA GLY A 535 -29.00 -22.09 0.96
C GLY A 535 -30.37 -22.35 1.54
N ALA A 536 -31.31 -22.62 0.64
CA ALA A 536 -32.63 -23.10 1.01
C ALA A 536 -32.95 -24.26 0.09
N GLY A 537 -33.69 -25.24 0.59
CA GLY A 537 -33.99 -26.41 -0.22
C GLY A 537 -35.16 -27.20 0.29
N LEU A 538 -35.51 -28.23 -0.48
CA LEU A 538 -36.56 -29.15 -0.11
C LEU A 538 -36.02 -30.56 -0.27
N GLN A 539 -36.14 -31.35 0.79
CA GLN A 539 -35.77 -32.75 0.68
C GLN A 539 -36.95 -33.58 1.13
N GLY A 540 -37.02 -34.81 0.65
CA GLY A 540 -38.10 -35.70 1.00
C GLY A 540 -37.71 -37.12 0.68
N LYS A 541 -38.51 -38.06 1.17
CA LYS A 541 -38.31 -39.44 0.78
C LYS A 541 -39.55 -40.27 1.02
N TYR A 542 -39.58 -41.45 0.39
CA TYR A 542 -40.67 -42.39 0.52
C TYR A 542 -40.14 -43.79 0.75
N ALA A 543 -40.62 -44.42 1.82
CA ALA A 543 -40.27 -45.80 2.10
C ALA A 543 -41.34 -46.72 1.54
N PHE A 544 -40.92 -47.75 0.82
CA PHE A 544 -41.84 -48.75 0.30
C PHE A 544 -41.74 -50.01 1.14
N GLY A 545 -42.04 -49.86 2.42
CA GLY A 545 -42.09 -50.99 3.33
C GLY A 545 -40.73 -51.52 3.74
N SER A 546 -40.02 -50.74 4.54
CA SER A 546 -38.85 -51.22 5.29
C SER A 546 -37.74 -51.92 4.51
N ASP A 547 -37.96 -52.16 3.22
CA ASP A 547 -36.92 -52.81 2.42
C ASP A 547 -36.30 -51.84 1.41
N THR A 548 -37.13 -50.93 0.92
CA THR A 548 -36.69 -50.05 -0.14
C THR A 548 -37.20 -48.63 0.12
N GLN A 549 -36.37 -47.65 -0.22
CA GLN A 549 -36.76 -46.26 -0.10
C GLN A 549 -36.11 -45.39 -1.18
N LEU A 550 -36.80 -44.32 -1.52
CA LEU A 550 -36.32 -43.36 -2.50
C LEU A 550 -36.34 -42.01 -1.82
N PHE A 551 -35.29 -41.23 -2.04
CA PHE A 551 -35.23 -39.89 -1.48
C PHE A 551 -34.63 -38.94 -2.50
N ALA A 552 -34.96 -37.66 -2.37
CA ALA A 552 -34.43 -36.65 -3.25
C ALA A 552 -34.37 -35.29 -2.58
N GLU A 553 -33.63 -34.38 -3.20
CA GLU A 553 -33.58 -33.01 -2.70
C GLU A 553 -33.23 -32.03 -3.80
N TYR A 554 -33.74 -30.83 -3.65
CA TYR A 554 -33.34 -29.70 -4.48
C TYR A 554 -32.86 -28.58 -3.56
N ALA A 555 -31.82 -27.87 -3.99
CA ALA A 555 -31.33 -26.73 -3.21
C ALA A 555 -30.85 -25.60 -4.10
N HIS A 556 -31.07 -24.38 -3.63
CA HIS A 556 -30.55 -23.21 -4.27
C HIS A 556 -29.63 -22.51 -3.28
N GLU A 557 -28.37 -22.31 -3.67
CA GLU A 557 -27.43 -21.62 -2.79
C GLU A 557 -26.96 -20.28 -3.36
N ARG A 558 -26.53 -19.40 -2.47
CA ARG A 558 -25.96 -18.14 -2.88
C ARG A 558 -24.52 -18.11 -2.37
N GLU A 559 -23.58 -17.80 -3.28
CA GLU A 559 -22.18 -17.57 -2.94
C GLU A 559 -21.97 -16.12 -2.61
N TYR A 560 -21.41 -15.86 -1.43
CA TYR A 560 -21.13 -14.49 -1.03
C TYR A 560 -19.68 -14.11 -1.32
N GLU A 561 -18.84 -15.11 -1.53
CA GLU A 561 -17.43 -14.88 -1.91
C GLU A 561 -17.30 -15.02 -3.42
N ASP A 562 -17.80 -14.02 -4.13
CA ASP A 562 -17.87 -14.07 -5.59
C ASP A 562 -16.99 -13.01 -6.24
N ASP A 563 -15.86 -12.71 -5.61
CA ASP A 563 -14.85 -11.85 -6.23
C ASP A 563 -13.99 -12.65 -7.19
N THR A 564 -13.58 -11.99 -8.27
CA THR A 564 -12.62 -12.56 -9.18
C THR A 564 -11.34 -12.83 -8.42
N GLN A 565 -10.80 -14.03 -8.58
CA GLN A 565 -9.57 -14.41 -7.93
C GLN A 565 -8.39 -13.87 -8.73
N ASP A 566 -7.24 -13.80 -8.10
CA ASP A 566 -6.04 -13.50 -8.86
C ASP A 566 -4.83 -14.29 -8.36
N LEU A 567 -3.83 -14.38 -9.23
CA LEU A 567 -2.67 -15.18 -8.99
C LEU A 567 -1.44 -14.32 -9.20
N THR A 568 -0.52 -14.39 -8.25
CA THR A 568 0.75 -13.71 -8.36
C THR A 568 1.80 -14.72 -8.80
N MET A 569 2.67 -14.30 -9.71
CA MET A 569 3.67 -15.21 -10.27
C MET A 569 4.84 -14.44 -10.90
N SER A 570 5.87 -15.16 -11.28
CA SER A 570 7.01 -14.58 -11.99
C SER A 570 7.60 -15.64 -12.92
N LEU A 571 8.30 -15.21 -13.96
CA LEU A 571 9.01 -16.16 -14.81
C LEU A 571 10.15 -16.73 -13.99
N ASN A 572 10.37 -18.04 -14.07
CA ASN A 572 11.56 -18.62 -13.44
C ASN A 572 12.84 -17.93 -13.91
N SER A 573 12.88 -17.50 -15.17
CA SER A 573 14.07 -16.87 -15.71
C SER A 573 14.25 -15.41 -15.24
N LEU A 574 13.21 -14.84 -14.64
CA LEU A 574 13.23 -13.45 -14.17
C LEU A 574 12.56 -13.33 -12.80
N PRO A 575 13.23 -13.83 -11.77
CA PRO A 575 12.68 -14.03 -10.42
C PRO A 575 12.29 -12.73 -9.70
N GLY A 576 12.87 -11.61 -10.09
CA GLY A 576 12.63 -10.37 -9.37
C GLY A 576 11.49 -9.55 -9.93
N ASN A 577 10.79 -10.09 -10.93
CA ASN A 577 9.70 -9.37 -11.58
C ASN A 577 8.38 -10.12 -11.48
N ARG A 578 7.69 -9.91 -10.37
CA ARG A 578 6.45 -10.61 -10.10
C ARG A 578 5.28 -9.75 -10.53
N PHE A 579 4.25 -10.41 -11.04
CA PHE A 579 3.07 -9.72 -11.54
C PHE A 579 1.84 -10.51 -11.11
N THR A 580 0.69 -9.88 -11.18
CA THR A 580 -0.56 -10.48 -10.71
C THR A 580 -1.60 -10.39 -11.80
N LEU A 581 -2.18 -11.53 -12.15
CA LEU A 581 -3.19 -11.59 -13.20
C LEU A 581 -4.47 -12.16 -12.61
N GLU A 582 -5.59 -11.86 -13.26
CA GLU A 582 -6.91 -12.28 -12.80
C GLU A 582 -7.23 -13.73 -13.20
N GLY A 583 -8.10 -14.38 -12.42
CA GLY A 583 -8.46 -15.76 -12.68
C GLY A 583 -9.94 -16.06 -12.51
N TYR A 584 -10.21 -17.24 -11.95
CA TYR A 584 -11.57 -17.73 -11.70
C TYR A 584 -12.44 -16.74 -10.96
N THR A 585 -13.65 -16.56 -11.45
CA THR A 585 -14.67 -15.82 -10.75
C THR A 585 -15.77 -16.78 -10.24
N PRO A 586 -15.85 -16.99 -8.93
CA PRO A 586 -16.97 -17.81 -8.44
C PRO A 586 -18.28 -17.15 -8.81
N GLN A 587 -19.22 -17.91 -9.35
CA GLN A 587 -20.56 -17.37 -9.60
C GLN A 587 -21.35 -17.35 -8.31
N ASP A 588 -22.38 -16.52 -8.24
CA ASP A 588 -23.06 -16.31 -6.97
C ASP A 588 -24.29 -17.19 -6.74
N HIS A 589 -24.63 -18.02 -7.74
CA HIS A 589 -25.81 -18.88 -7.64
C HIS A 589 -25.46 -20.31 -7.97
N LEU A 590 -26.01 -21.26 -7.21
CA LEU A 590 -25.94 -22.65 -7.64
C LEU A 590 -27.23 -23.43 -7.32
N ASN A 591 -27.51 -24.39 -8.18
CA ASN A 591 -28.69 -25.21 -8.07
C ASN A 591 -28.28 -26.67 -8.05
N ARG A 592 -28.90 -27.46 -7.19
CA ARG A 592 -28.57 -28.88 -7.09
C ARG A 592 -29.82 -29.74 -6.92
N VAL A 593 -29.78 -30.91 -7.54
CA VAL A 593 -30.74 -31.96 -7.26
C VAL A 593 -29.95 -33.21 -6.90
N SER A 594 -30.47 -33.96 -5.94
CA SER A 594 -29.88 -35.23 -5.54
C SER A 594 -30.96 -36.29 -5.56
N LEU A 595 -30.63 -37.43 -6.15
CA LEU A 595 -31.51 -38.58 -6.09
C LEU A 595 -30.76 -39.70 -5.40
N GLY A 596 -31.50 -40.55 -4.69
CA GLY A 596 -30.90 -41.65 -3.98
C GLY A 596 -31.89 -42.74 -3.69
N PHE A 597 -31.36 -43.91 -3.36
CA PHE A 597 -32.19 -45.02 -2.99
C PHE A 597 -31.48 -45.79 -1.88
N SER A 598 -32.26 -46.49 -1.07
CA SER A 598 -31.69 -47.45 -0.14
C SER A 598 -32.47 -48.74 -0.22
N GLN A 599 -31.75 -49.83 -0.36
CA GLN A 599 -32.37 -51.14 -0.46
C GLN A 599 -31.74 -52.11 0.52
N LYS A 600 -32.54 -52.62 1.44
CA LYS A 600 -32.05 -53.61 2.40
C LYS A 600 -31.65 -54.90 1.70
N LEU A 601 -30.46 -55.39 2.02
CA LEU A 601 -29.95 -56.64 1.47
C LEU A 601 -30.15 -57.72 2.51
N ALA A 602 -30.33 -57.27 3.75
CA ALA A 602 -30.52 -58.15 4.88
C ALA A 602 -30.89 -57.26 6.05
N PRO A 603 -31.47 -57.86 7.10
CA PRO A 603 -31.58 -57.05 8.32
C PRO A 603 -30.20 -56.47 8.61
N GLU A 604 -30.12 -55.17 8.85
CA GLU A 604 -28.85 -54.52 9.21
C GLU A 604 -27.94 -54.11 8.04
N LEU A 605 -28.24 -54.56 6.82
CA LEU A 605 -27.37 -54.28 5.68
C LEU A 605 -28.13 -53.67 4.51
N SER A 606 -27.84 -52.41 4.21
CA SER A 606 -28.50 -51.69 3.12
C SER A 606 -27.54 -51.35 2.01
N LEU A 607 -28.00 -51.49 0.77
CA LEU A 607 -27.28 -50.97 -0.37
C LEU A 607 -27.83 -49.60 -0.71
N ARG A 608 -26.94 -48.64 -0.95
CA ARG A 608 -27.39 -47.27 -1.20
C ARG A 608 -26.73 -46.64 -2.42
N GLY A 609 -27.50 -45.87 -3.16
CA GLY A 609 -27.00 -45.19 -4.34
C GLY A 609 -27.41 -43.72 -4.33
N GLY A 610 -26.59 -42.89 -4.96
CA GLY A 610 -26.88 -41.48 -5.07
C GLY A 610 -26.46 -40.91 -6.41
N TYR A 611 -27.23 -39.95 -6.91
CA TYR A 611 -26.82 -39.17 -8.06
C TYR A 611 -26.97 -37.69 -7.77
N ASN A 612 -25.93 -36.93 -8.10
CA ASN A 612 -25.96 -35.50 -7.85
C ASN A 612 -25.71 -34.69 -9.10
N TRP A 613 -26.44 -33.60 -9.23
CA TRP A 613 -26.28 -32.68 -10.33
C TRP A 613 -26.20 -31.26 -9.75
N ARG A 614 -25.07 -30.58 -9.98
CA ARG A 614 -24.89 -29.20 -9.50
C ARG A 614 -24.59 -28.26 -10.66
N LYS A 615 -25.32 -27.15 -10.71
CA LYS A 615 -25.21 -26.23 -11.81
C LYS A 615 -24.99 -24.81 -11.32
N GLY A 616 -23.86 -24.23 -11.73
CA GLY A 616 -23.62 -22.81 -11.57
C GLY A 616 -23.80 -22.16 -12.93
N GLU A 617 -23.57 -20.85 -13.01
CA GLU A 617 -23.72 -20.17 -14.29
C GLU A 617 -22.63 -20.63 -15.28
N ASP A 618 -21.45 -20.96 -14.76
CA ASP A 618 -20.34 -21.33 -15.62
C ASP A 618 -19.82 -22.74 -15.40
N ASP A 619 -20.64 -23.62 -14.83
CA ASP A 619 -20.17 -24.97 -14.55
C ASP A 619 -21.26 -25.96 -14.18
N THR A 620 -20.92 -27.23 -14.36
CA THR A 620 -21.79 -28.31 -14.01
C THR A 620 -20.92 -29.37 -13.38
N GLN A 621 -21.33 -29.83 -12.20
CA GLN A 621 -20.66 -30.94 -11.57
C GLN A 621 -21.65 -32.08 -11.39
N GLN A 622 -21.17 -33.31 -11.53
CA GLN A 622 -22.00 -34.47 -11.36
C GLN A 622 -21.25 -35.53 -10.57
N SER A 623 -22.00 -36.36 -9.86
CA SER A 623 -21.40 -37.49 -9.14
C SER A 623 -22.43 -38.57 -8.90
N VAL A 624 -21.94 -39.81 -8.93
CA VAL A 624 -22.73 -40.98 -8.58
C VAL A 624 -21.96 -41.78 -7.55
N SER A 625 -22.71 -42.40 -6.63
CA SER A 625 -22.12 -43.18 -5.56
C SER A 625 -22.91 -44.46 -5.28
N LEU A 626 -22.19 -45.46 -4.81
CA LEU A 626 -22.79 -46.68 -4.32
C LEU A 626 -22.12 -47.03 -3.01
N ALA A 627 -22.92 -47.48 -2.05
CA ALA A 627 -22.42 -47.74 -0.72
C ALA A 627 -23.15 -48.91 -0.03
N LEU A 628 -22.49 -49.52 0.94
CA LEU A 628 -23.12 -50.50 1.79
C LEU A 628 -23.16 -49.94 3.20
N SER A 629 -24.33 -50.02 3.83
CA SER A 629 -24.50 -49.52 5.19
C SER A 629 -24.88 -50.64 6.14
N LEU A 630 -23.96 -50.98 7.05
CA LEU A 630 -24.19 -52.04 8.02
C LEU A 630 -24.36 -51.47 9.43
N ASP A 631 -25.04 -52.24 10.28
CA ASP A 631 -25.27 -51.80 11.66
C ASP A 631 -24.44 -52.63 12.64
N PHE A 632 -23.71 -51.94 13.51
CA PHE A 632 -22.88 -52.62 14.50
C PHE A 632 -23.62 -52.79 15.82
N HIS B 6 8.42 24.71 31.26
CA HIS B 6 8.07 25.34 29.99
C HIS B 6 6.99 26.41 30.16
N HIS B 7 7.07 27.45 29.34
CA HIS B 7 6.19 28.61 29.43
C HIS B 7 5.03 28.50 28.45
N HIS B 8 3.81 28.57 28.96
CA HIS B 8 2.63 28.14 28.23
C HIS B 8 2.20 29.05 27.08
N LEU B 9 2.80 30.23 27.00
CA LEU B 9 2.49 31.13 25.90
C LEU B 9 3.38 30.82 24.70
N GLU B 10 4.47 30.11 24.97
CA GLU B 10 5.45 29.79 23.93
C GLU B 10 5.13 28.48 23.23
N ALA B 11 5.30 28.48 21.92
CA ALA B 11 5.24 27.27 21.13
C ALA B 11 6.28 26.29 21.65
N PRO B 12 6.20 25.04 21.21
CA PRO B 12 7.14 24.04 21.72
C PRO B 12 8.58 24.36 21.32
N SER B 13 9.53 23.75 22.02
CA SER B 13 10.94 24.00 21.79
C SER B 13 11.75 22.83 22.33
N PRO B 14 11.78 21.73 21.57
CA PRO B 14 12.43 20.48 21.97
C PRO B 14 13.95 20.60 22.06
N TYR B 15 14.55 21.54 21.34
CA TYR B 15 15.98 21.48 21.13
C TYR B 15 16.76 22.53 21.89
N SER B 16 17.89 22.12 22.47
CA SER B 16 18.74 23.01 23.24
C SER B 16 19.29 24.13 22.35
N THR B 17 19.60 23.78 21.11
CA THR B 17 20.11 24.76 20.15
C THR B 17 20.06 24.14 18.77
N LEU B 18 20.38 24.94 17.75
CA LEU B 18 20.43 24.49 16.37
C LEU B 18 21.89 24.62 15.90
N VAL B 19 22.51 23.50 15.56
CA VAL B 19 23.86 23.52 15.05
C VAL B 19 23.77 23.16 13.58
N VAL B 20 24.38 23.99 12.75
CA VAL B 20 24.23 23.92 11.31
C VAL B 20 25.58 23.68 10.62
N PHE B 21 25.58 22.83 9.60
CA PHE B 21 26.74 22.70 8.72
C PHE B 21 26.30 22.76 7.28
N GLY B 22 27.22 23.14 6.40
CA GLY B 22 26.90 23.21 4.99
C GLY B 22 27.51 24.38 4.25
N ASP B 23 26.75 24.88 3.28
CA ASP B 23 27.25 25.79 2.28
C ASP B 23 26.45 27.07 2.25
N SER B 24 26.49 27.76 1.11
CA SER B 24 25.80 29.05 0.95
C SER B 24 24.27 28.97 1.20
N LEU B 25 23.71 27.77 1.04
CA LEU B 25 22.28 27.61 1.34
C LEU B 25 21.99 27.95 2.79
N SER B 26 22.97 27.70 3.66
CA SER B 26 22.75 27.78 5.10
C SER B 26 23.57 28.85 5.84
N ASP B 27 24.64 29.33 5.21
CA ASP B 27 25.54 30.33 5.78
C ASP B 27 24.75 31.46 6.43
N ALA B 28 25.09 31.78 7.68
CA ALA B 28 24.38 32.85 8.40
C ALA B 28 25.18 34.15 8.40
N GLY B 29 26.41 34.10 7.89
CA GLY B 29 27.19 35.31 7.74
C GLY B 29 28.64 35.13 8.14
N GLN B 30 29.32 34.17 7.52
CA GLN B 30 30.73 33.98 7.77
C GLN B 30 31.54 35.16 7.20
N PHE B 31 31.36 35.45 5.91
CA PHE B 31 32.12 36.49 5.23
C PHE B 31 31.62 37.90 5.48
N PRO B 32 32.54 38.87 5.45
CA PRO B 32 32.15 40.27 5.46
C PRO B 32 31.19 40.54 4.32
N ASP B 33 30.34 41.56 4.48
CA ASP B 33 29.51 42.01 3.37
C ASP B 33 30.11 43.31 2.83
N PRO B 34 31.02 43.18 1.85
CA PRO B 34 31.80 44.31 1.36
C PRO B 34 30.90 45.49 0.97
N ALA B 35 29.75 45.20 0.37
CA ALA B 35 28.81 46.25 -0.03
C ALA B 35 27.70 46.60 0.97
N GLY B 36 27.82 46.15 2.23
CA GLY B 36 26.83 46.48 3.25
C GLY B 36 27.36 47.44 4.31
N PRO B 37 26.49 47.84 5.25
CA PRO B 37 26.86 48.72 6.37
C PRO B 37 28.02 48.12 7.15
N ALA B 38 28.66 48.93 8.00
CA ALA B 38 29.76 48.46 8.82
C ALA B 38 29.27 47.37 9.77
N GLY B 39 30.05 46.30 9.92
CA GLY B 39 29.65 45.19 10.78
C GLY B 39 28.74 44.20 10.08
N SER B 40 28.37 44.51 8.83
CA SER B 40 27.55 43.63 7.99
C SER B 40 28.26 42.33 7.67
N THR B 41 27.46 41.34 7.33
CA THR B 41 27.97 40.00 7.14
C THR B 41 27.20 39.44 5.93
N SER B 42 27.82 38.54 5.16
CA SER B 42 27.20 38.09 3.91
C SER B 42 26.35 36.83 4.04
N ARG B 43 25.13 36.90 3.52
CA ARG B 43 24.27 35.73 3.36
C ARG B 43 23.85 35.71 1.89
N PHE B 44 23.67 34.52 1.35
CA PHE B 44 23.37 34.37 -0.07
C PHE B 44 21.89 34.33 -0.37
N THR B 45 21.29 35.51 -0.33
CA THR B 45 19.87 35.72 -0.57
C THR B 45 19.69 37.24 -0.76
N ASN B 46 18.48 37.70 -1.02
CA ASN B 46 18.29 39.14 -1.25
C ASN B 46 18.52 39.96 0.01
N ARG B 47 18.77 41.25 -0.19
CA ARG B 47 18.87 42.19 0.91
C ARG B 47 17.47 42.54 1.44
N VAL B 48 17.41 43.15 2.62
CA VAL B 48 16.13 43.36 3.28
C VAL B 48 15.21 44.40 2.63
N GLY B 49 15.78 45.32 1.86
CA GLY B 49 15.01 46.39 1.25
C GLY B 49 15.11 47.64 2.10
N PRO B 50 14.46 48.73 1.70
CA PRO B 50 13.56 48.91 0.55
C PRO B 50 14.19 48.92 -0.86
N THR B 51 15.47 49.26 -1.02
CA THR B 51 16.05 49.33 -2.38
C THR B 51 16.58 47.98 -2.86
N TYR B 52 17.04 47.15 -1.92
CA TYR B 52 17.71 45.88 -2.21
C TYR B 52 19.07 46.03 -2.88
N GLN B 53 19.51 47.25 -3.11
CA GLN B 53 20.75 47.52 -3.85
C GLN B 53 21.99 47.29 -3.00
N ASN B 54 23.05 46.78 -3.61
CA ASN B 54 24.36 46.77 -2.97
C ASN B 54 24.76 48.21 -2.71
N GLY B 55 25.44 48.44 -1.60
CA GLY B 55 25.85 49.78 -1.25
C GLY B 55 24.76 50.69 -0.70
N SER B 56 23.55 50.15 -0.55
CA SER B 56 22.39 50.93 -0.12
C SER B 56 22.33 51.11 1.37
N GLY B 57 23.23 50.43 2.10
CA GLY B 57 23.16 50.40 3.55
C GLY B 57 22.23 49.31 4.12
N GLU B 58 21.64 48.50 3.26
CA GLU B 58 20.71 47.44 3.67
C GLU B 58 21.43 46.10 3.82
N ILE B 59 21.19 45.39 4.91
CA ILE B 59 21.86 44.11 5.11
C ILE B 59 21.21 42.99 4.29
N PHE B 60 21.92 41.87 4.16
CA PHE B 60 21.35 40.68 3.56
C PHE B 60 20.28 40.13 4.50
N GLY B 61 19.21 39.59 3.93
CA GLY B 61 18.15 39.01 4.72
C GLY B 61 18.58 37.69 5.36
N PRO B 62 17.64 37.02 6.02
CA PRO B 62 17.98 35.80 6.78
C PRO B 62 17.98 34.59 5.89
N THR B 63 18.67 33.56 6.34
CA THR B 63 18.65 32.29 5.64
C THR B 63 17.79 31.28 6.42
N ALA B 64 17.38 30.22 5.75
CA ALA B 64 16.42 29.27 6.32
C ALA B 64 16.68 28.82 7.78
N PRO B 65 17.94 28.42 8.10
CA PRO B 65 18.27 27.95 9.45
C PRO B 65 18.01 29.00 10.53
N MET B 66 18.25 30.26 10.19
CA MET B 66 18.00 31.36 11.10
C MET B 66 16.51 31.50 11.38
N LEU B 67 15.71 31.39 10.31
CA LEU B 67 14.27 31.52 10.41
C LEU B 67 13.74 30.35 11.25
N LEU B 68 14.22 29.15 10.95
CA LEU B 68 13.83 27.95 11.65
C LEU B 68 14.18 27.99 13.14
N GLY B 69 15.41 28.39 13.45
CA GLY B 69 15.87 28.42 14.83
C GLY B 69 15.02 29.37 15.64
N ASN B 70 14.68 30.50 15.02
CA ASN B 70 13.79 31.46 15.63
C ASN B 70 12.43 30.84 15.96
N GLN B 71 11.86 30.13 14.97
CA GLN B 71 10.57 29.46 15.17
C GLN B 71 10.65 28.49 16.35
N LEU B 72 11.78 27.80 16.49
CA LEU B 72 12.01 26.78 17.50
C LEU B 72 12.45 27.34 18.85
N GLY B 73 12.45 28.66 18.99
CA GLY B 73 12.80 29.30 20.24
C GLY B 73 14.28 29.21 20.59
N ILE B 74 15.12 28.99 19.59
CA ILE B 74 16.57 28.94 19.80
C ILE B 74 17.07 30.35 20.17
N ALA B 75 17.98 30.43 21.14
CA ALA B 75 18.63 31.70 21.46
C ALA B 75 19.24 32.31 20.19
N PRO B 76 18.92 33.59 19.92
CA PRO B 76 19.32 34.26 18.68
C PRO B 76 20.82 34.20 18.46
N GLY B 77 21.59 34.38 19.53
CA GLY B 77 23.03 34.35 19.42
C GLY B 77 23.56 33.04 18.83
N ASP B 78 22.77 31.97 18.98
CA ASP B 78 23.19 30.66 18.52
C ASP B 78 23.05 30.56 17.03
N LEU B 79 22.19 31.42 16.48
CA LEU B 79 21.90 31.41 15.06
C LEU B 79 22.94 32.14 14.18
N ALA B 80 23.92 32.77 14.83
CA ALA B 80 24.96 33.46 14.09
C ALA B 80 26.02 32.48 13.57
N ALA B 81 26.84 32.94 12.64
CA ALA B 81 27.94 32.17 12.08
C ALA B 81 28.95 31.75 13.15
N SER B 82 29.75 30.74 12.85
CA SER B 82 30.71 30.22 13.82
C SER B 82 32.06 30.87 13.76
N THR B 83 32.41 31.44 12.61
CA THR B 83 33.80 31.84 12.37
C THR B 83 33.92 33.16 11.61
N SER B 84 32.94 34.04 11.74
CA SER B 84 33.04 35.33 11.06
C SER B 84 34.11 36.20 11.71
N PRO B 85 34.95 36.82 10.86
CA PRO B 85 35.96 37.81 11.26
C PRO B 85 35.25 39.09 11.70
N VAL B 86 34.12 39.36 11.09
CA VAL B 86 33.35 40.55 11.41
C VAL B 86 32.87 40.51 12.86
N ASN B 87 32.29 39.37 13.27
CA ASN B 87 31.86 39.19 14.65
C ASN B 87 33.01 39.41 15.60
N ALA B 88 34.16 38.86 15.27
CA ALA B 88 35.32 39.11 16.10
C ALA B 88 35.45 40.62 16.26
N GLN B 89 35.63 41.33 15.16
CA GLN B 89 35.83 42.79 15.15
C GLN B 89 34.74 43.55 15.89
N GLN B 90 33.51 43.03 15.81
CA GLN B 90 32.34 43.68 16.41
C GLN B 90 32.12 43.40 17.90
N GLY B 91 32.87 42.46 18.46
CA GLY B 91 32.63 42.05 19.82
C GLY B 91 31.34 41.23 19.89
N ILE B 92 31.10 40.44 18.85
CA ILE B 92 29.91 39.61 18.83
C ILE B 92 30.32 38.16 18.90
N ALA B 93 29.72 37.43 19.82
CA ALA B 93 30.08 36.05 20.09
C ALA B 93 29.77 35.20 18.89
N ASP B 94 30.62 34.20 18.63
CA ASP B 94 30.37 33.21 17.57
C ASP B 94 29.10 32.42 17.88
N GLY B 95 28.36 32.06 16.83
CA GLY B 95 27.18 31.25 16.96
C GLY B 95 27.41 29.81 16.55
N ASN B 96 26.34 29.07 16.33
CA ASN B 96 26.43 27.64 16.07
C ASN B 96 26.22 27.27 14.61
N ASN B 97 26.20 28.28 13.74
CA ASN B 97 26.03 28.02 12.31
C ASN B 97 27.39 27.96 11.64
N TRP B 98 27.85 26.75 11.34
CA TRP B 98 29.18 26.53 10.78
C TRP B 98 29.15 26.45 9.26
N ALA B 99 27.98 26.66 8.68
CA ALA B 99 27.87 26.62 7.23
C ALA B 99 28.69 27.77 6.62
N VAL B 100 29.37 27.49 5.50
CA VAL B 100 30.15 28.50 4.79
C VAL B 100 29.87 28.52 3.29
N GLY B 101 29.50 29.68 2.77
CA GLY B 101 29.37 29.85 1.33
C GLY B 101 30.60 29.36 0.58
N GLY B 102 30.40 28.49 -0.40
CA GLY B 102 31.49 27.96 -1.19
C GLY B 102 31.89 26.52 -0.85
N TYR B 103 31.56 26.05 0.34
CA TYR B 103 31.99 24.73 0.79
C TYR B 103 31.46 23.56 -0.06
N ARG B 104 32.36 22.65 -0.42
CA ARG B 104 31.99 21.38 -1.03
C ARG B 104 31.74 20.38 0.09
N THR B 105 31.26 19.19 -0.26
CA THR B 105 31.03 18.13 0.73
C THR B 105 32.26 17.85 1.62
N ASP B 106 33.44 17.84 1.01
CA ASP B 106 34.64 17.51 1.76
C ASP B 106 35.01 18.60 2.77
N GLN B 107 34.71 19.86 2.43
CA GLN B 107 34.98 20.97 3.33
C GLN B 107 33.97 20.99 4.48
N ILE B 108 32.72 20.66 4.16
CA ILE B 108 31.70 20.55 5.17
C ILE B 108 32.13 19.49 6.21
N TYR B 109 32.58 18.34 5.71
CA TYR B 109 33.08 17.29 6.58
C TYR B 109 34.22 17.77 7.48
N ASP B 110 35.19 18.46 6.88
CA ASP B 110 36.33 18.98 7.64
C ASP B 110 35.91 19.96 8.74
N SER B 111 34.89 20.76 8.46
CA SER B 111 34.41 21.78 9.40
C SER B 111 33.78 21.14 10.64
N ILE B 112 33.47 19.86 10.53
CA ILE B 112 32.90 19.09 11.62
C ILE B 112 33.99 18.34 12.38
N THR B 113 34.89 17.72 11.63
CA THR B 113 35.78 16.70 12.18
C THR B 113 37.24 17.11 12.31
N ALA B 114 37.69 18.03 11.45
CA ALA B 114 39.14 18.30 11.32
C ALA B 114 39.72 19.50 12.10
N ALA B 115 41.01 19.38 12.41
CA ALA B 115 41.79 20.47 12.99
C ALA B 115 41.85 21.63 12.00
N ASN B 116 41.72 22.86 12.49
CA ASN B 116 41.60 24.03 11.62
C ASN B 116 40.64 23.84 10.45
N GLY B 117 39.54 23.11 10.67
CA GLY B 117 38.63 22.73 9.59
C GLY B 117 37.63 23.79 9.19
N SER B 118 37.39 24.75 10.08
CA SER B 118 36.50 25.86 9.75
C SER B 118 37.34 27.00 9.21
N LEU B 119 37.53 27.01 7.89
CA LEU B 119 38.30 28.06 7.22
C LEU B 119 37.40 29.06 6.54
N ILE B 120 37.66 30.33 6.80
CA ILE B 120 36.98 31.40 6.09
C ILE B 120 38.02 32.12 5.22
N GLU B 121 38.02 31.81 3.93
CA GLU B 121 39.01 32.40 3.02
C GLU B 121 38.42 32.89 1.69
N ARG B 122 38.97 34.00 1.20
CA ARG B 122 38.67 34.45 -0.16
C ARG B 122 39.95 34.84 -0.85
N ASP B 123 40.16 34.32 -2.05
CA ASP B 123 41.23 34.81 -2.92
C ASP B 123 42.58 34.82 -2.21
N ASN B 124 43.02 33.64 -1.77
CA ASN B 124 44.37 33.50 -1.22
C ASN B 124 44.63 34.24 0.11
N THR B 125 43.64 34.91 0.66
CA THR B 125 43.82 35.55 1.96
C THR B 125 42.91 34.94 3.05
N LEU B 126 43.51 34.56 4.17
CA LEU B 126 42.76 33.91 5.26
C LEU B 126 42.12 34.93 6.18
N LEU B 127 40.80 35.02 6.14
CA LEU B 127 40.10 35.98 6.96
C LEU B 127 40.02 35.51 8.41
N ARG B 128 39.83 34.21 8.59
CA ARG B 128 39.69 33.65 9.93
C ARG B 128 39.60 32.13 9.86
N SER B 129 39.94 31.51 10.98
CA SER B 129 40.01 30.07 11.07
C SER B 129 39.70 29.62 12.50
N ARG B 130 39.26 28.38 12.62
CA ARG B 130 39.15 27.76 13.93
C ARG B 130 39.04 26.26 13.70
N ASP B 131 39.32 25.47 14.72
CA ASP B 131 39.16 24.02 14.66
C ASP B 131 37.71 23.64 14.42
N GLY B 132 37.49 22.44 13.88
CA GLY B 132 36.15 21.94 13.62
C GLY B 132 35.29 21.86 14.87
N TYR B 133 33.98 21.71 14.65
CA TYR B 133 33.01 21.64 15.74
C TYR B 133 33.39 20.64 16.83
N LEU B 134 33.65 19.40 16.43
CA LEU B 134 33.94 18.31 17.35
C LEU B 134 35.30 18.43 18.02
N VAL B 135 36.23 19.11 17.37
CA VAL B 135 37.55 19.29 17.95
C VAL B 135 37.44 20.33 19.08
N ASP B 136 36.80 21.45 18.78
CA ASP B 136 36.47 22.42 19.81
C ASP B 136 35.68 21.77 20.98
N ARG B 137 34.81 20.82 20.66
CA ARG B 137 34.01 20.16 21.69
C ARG B 137 34.80 19.11 22.44
N ALA B 138 35.63 18.32 21.75
CA ALA B 138 36.44 17.32 22.44
C ALA B 138 37.36 18.00 23.44
N ARG B 139 37.35 19.32 23.44
CA ARG B 139 37.79 20.07 24.60
C ARG B 139 36.64 19.99 25.58
N GLN B 140 36.89 19.34 26.70
CA GLN B 140 35.86 19.01 27.67
C GLN B 140 35.37 17.61 27.35
N GLY B 141 36.07 16.97 26.41
CA GLY B 141 35.70 15.64 25.99
C GLY B 141 34.20 15.62 25.76
N LEU B 142 33.69 16.72 25.23
CA LEU B 142 32.29 16.76 24.83
C LEU B 142 32.20 16.19 23.43
N GLY B 143 31.20 15.35 23.23
CA GLY B 143 30.78 14.97 21.90
C GLY B 143 29.77 15.98 21.42
N ALA B 144 28.89 15.56 20.53
CA ALA B 144 27.79 16.41 20.10
C ALA B 144 26.81 16.66 21.26
N ASP B 145 25.90 17.60 21.06
CA ASP B 145 24.90 17.89 22.07
C ASP B 145 23.70 17.01 21.80
N PRO B 146 23.39 16.08 22.73
CA PRO B 146 22.31 15.10 22.57
C PRO B 146 20.93 15.76 22.46
N ASN B 147 20.86 17.01 22.88
CA ASN B 147 19.61 17.78 22.87
C ASN B 147 19.49 18.80 21.74
N ALA B 148 20.56 18.97 20.98
CA ALA B 148 20.54 19.96 19.90
C ALA B 148 19.88 19.38 18.69
N LEU B 149 19.28 20.25 17.87
CA LEU B 149 18.92 19.90 16.51
C LEU B 149 20.12 20.22 15.58
N TYR B 150 20.50 19.25 14.76
CA TYR B 150 21.54 19.44 13.77
C TYR B 150 20.92 19.55 12.39
N TYR B 151 21.58 20.29 11.50
CA TYR B 151 21.00 20.66 10.22
C TYR B 151 22.10 20.79 9.19
N ILE B 152 21.96 20.10 8.05
CA ILE B 152 23.01 20.08 7.02
C ILE B 152 22.50 20.28 5.60
N THR B 153 23.24 21.09 4.84
CA THR B 153 23.11 21.16 3.38
C THR B 153 24.47 20.87 2.74
N GLY B 154 24.49 20.63 1.43
CA GLY B 154 25.76 20.36 0.77
C GLY B 154 25.66 19.47 -0.45
N GLY B 155 26.56 19.70 -1.40
CA GLY B 155 26.58 18.96 -2.65
C GLY B 155 26.68 19.88 -3.87
N GLY B 156 26.00 21.02 -3.79
CA GLY B 156 25.94 21.97 -4.88
C GLY B 156 27.30 22.43 -5.39
N ASN B 157 28.17 22.87 -4.48
CA ASN B 157 29.52 23.28 -4.86
C ASN B 157 30.35 22.19 -5.51
N ASP B 158 30.13 20.95 -5.09
CA ASP B 158 30.74 19.81 -5.75
C ASP B 158 30.38 19.85 -7.22
N PHE B 159 29.12 20.16 -7.50
CA PHE B 159 28.65 20.28 -8.88
C PHE B 159 29.23 21.49 -9.60
N LEU B 160 29.14 22.66 -8.98
CA LEU B 160 29.59 23.89 -9.62
C LEU B 160 31.05 23.82 -10.03
N GLN B 161 31.87 23.15 -9.22
CA GLN B 161 33.30 23.09 -9.46
C GLN B 161 33.69 21.96 -10.41
N GLY B 162 32.72 21.41 -11.14
CA GLY B 162 32.99 20.37 -12.11
C GLY B 162 33.44 19.03 -11.55
N ARG B 163 33.24 18.83 -10.26
CA ARG B 163 33.70 17.60 -9.61
C ARG B 163 32.67 16.50 -9.71
N ILE B 164 31.56 16.77 -10.39
CA ILE B 164 30.54 15.74 -10.55
C ILE B 164 30.07 15.71 -11.98
N LEU B 165 30.57 14.72 -12.71
CA LEU B 165 30.36 14.64 -14.14
C LEU B 165 29.76 13.32 -14.57
N ASN B 166 29.63 12.38 -13.64
CA ASN B 166 28.99 11.10 -13.94
C ASN B 166 28.33 10.51 -12.71
N ASP B 167 27.58 9.43 -12.90
CA ASP B 167 26.79 8.84 -11.83
C ASP B 167 27.68 8.47 -10.64
N VAL B 168 28.84 7.89 -10.94
CA VAL B 168 29.74 7.49 -9.88
C VAL B 168 30.16 8.65 -8.99
N GLN B 169 30.55 9.74 -9.61
CA GLN B 169 31.00 10.91 -8.87
C GLN B 169 29.89 11.51 -8.03
N ALA B 170 28.66 11.43 -8.54
CA ALA B 170 27.52 11.98 -7.82
C ALA B 170 27.24 11.13 -6.59
N GLN B 171 27.33 9.82 -6.75
CA GLN B 171 27.18 8.90 -5.64
C GLN B 171 28.27 9.10 -4.59
N GLN B 172 29.51 9.32 -5.06
CA GLN B 172 30.62 9.52 -4.13
C GLN B 172 30.44 10.80 -3.33
N ALA B 173 29.88 11.82 -3.98
CA ALA B 173 29.61 13.09 -3.32
C ALA B 173 28.50 12.95 -2.28
N ALA B 174 27.50 12.13 -2.57
CA ALA B 174 26.42 11.85 -1.63
C ALA B 174 27.03 11.15 -0.42
N GLY B 175 27.97 10.27 -0.68
CA GLY B 175 28.65 9.55 0.38
C GLY B 175 29.44 10.45 1.31
N ARG B 176 30.00 11.52 0.76
CA ARG B 176 30.76 12.45 1.58
C ARG B 176 29.83 13.27 2.46
N LEU B 177 28.64 13.56 1.95
CA LEU B 177 27.62 14.22 2.77
C LEU B 177 27.27 13.31 3.93
N VAL B 178 27.03 12.04 3.63
CA VAL B 178 26.61 11.09 4.67
C VAL B 178 27.72 10.93 5.71
N ASP B 179 28.97 11.02 5.25
CA ASP B 179 30.10 10.96 6.17
C ASP B 179 29.92 11.97 7.28
N SER B 180 29.43 13.16 6.94
CA SER B 180 29.23 14.19 7.94
C SER B 180 28.15 13.80 8.95
N VAL B 181 27.03 13.30 8.42
CA VAL B 181 25.94 12.83 9.26
C VAL B 181 26.44 11.79 10.25
N GLN B 182 27.22 10.82 9.76
CA GLN B 182 27.75 9.75 10.59
C GLN B 182 28.73 10.25 11.62
N ALA B 183 29.49 11.29 11.28
CA ALA B 183 30.43 11.83 12.23
C ALA B 183 29.69 12.40 13.42
N LEU B 184 28.59 13.10 13.16
CA LEU B 184 27.77 13.66 14.23
C LEU B 184 27.07 12.58 15.05
N GLN B 185 26.49 11.60 14.35
CA GLN B 185 25.84 10.48 15.00
C GLN B 185 26.80 9.76 15.95
N GLN B 186 27.94 9.35 15.43
CA GLN B 186 28.95 8.68 16.23
C GLN B 186 29.35 9.54 17.43
N ALA B 187 29.27 10.85 17.27
CA ALA B 187 29.61 11.77 18.35
C ALA B 187 28.46 11.99 19.32
N GLY B 188 27.31 11.36 19.05
CA GLY B 188 26.15 11.48 19.93
C GLY B 188 24.99 12.38 19.48
N ALA B 189 25.00 12.83 18.23
CA ALA B 189 23.90 13.66 17.73
C ALA B 189 22.66 12.81 17.57
N ARG B 190 21.51 13.34 17.96
CA ARG B 190 20.29 12.54 18.07
C ARG B 190 19.19 13.02 17.13
N TYR B 191 19.37 14.21 16.56
CA TYR B 191 18.42 14.76 15.59
C TYR B 191 19.17 15.52 14.52
N ILE B 192 19.05 15.05 13.28
CA ILE B 192 19.77 15.68 12.16
C ILE B 192 18.89 15.90 10.94
N VAL B 193 18.63 17.16 10.62
CA VAL B 193 17.89 17.49 9.42
C VAL B 193 18.87 17.43 8.25
N VAL B 194 18.50 16.73 7.18
CA VAL B 194 19.38 16.63 6.02
C VAL B 194 18.61 16.93 4.72
N TRP B 195 19.13 17.85 3.90
CA TRP B 195 18.52 18.20 2.60
C TRP B 195 18.79 17.11 1.58
N LEU B 196 17.78 16.72 0.82
CA LEU B 196 18.06 16.12 -0.46
C LEU B 196 18.55 17.28 -1.32
N LEU B 197 19.43 16.99 -2.26
CA LEU B 197 19.96 18.03 -3.13
C LEU B 197 18.81 18.50 -4.01
N PRO B 198 18.68 19.82 -4.19
CA PRO B 198 17.66 20.30 -5.14
C PRO B 198 17.93 19.75 -6.54
N ASP B 199 16.90 19.70 -7.38
CA ASP B 199 17.07 19.35 -8.78
C ASP B 199 17.83 20.46 -9.50
N LEU B 200 19.12 20.23 -9.75
CA LEU B 200 20.00 21.28 -10.23
C LEU B 200 19.71 21.72 -11.66
N GLY B 201 18.94 20.93 -12.39
CA GLY B 201 18.48 21.33 -13.70
C GLY B 201 17.36 22.36 -13.61
N LEU B 202 16.83 22.55 -12.41
CA LEU B 202 15.74 23.48 -12.23
C LEU B 202 16.22 24.68 -11.42
N THR B 203 17.36 25.23 -11.83
CA THR B 203 17.87 26.48 -11.29
C THR B 203 18.12 27.39 -12.47
N PRO B 204 18.09 28.72 -12.24
CA PRO B 204 18.39 29.64 -13.35
C PRO B 204 19.75 29.32 -13.99
N ALA B 205 20.64 28.74 -13.20
CA ALA B 205 21.96 28.37 -13.67
C ALA B 205 21.96 27.44 -14.89
N THR B 206 21.10 26.42 -14.90
CA THR B 206 21.14 25.48 -16.01
C THR B 206 19.84 25.38 -16.77
N PHE B 207 18.76 25.87 -16.15
CA PHE B 207 17.43 25.69 -16.69
C PHE B 207 17.29 26.18 -18.13
N GLY B 208 16.69 25.35 -18.98
CA GLY B 208 16.45 25.72 -20.36
C GLY B 208 17.72 25.70 -21.19
N GLY B 209 18.83 25.37 -20.54
CA GLY B 209 20.10 25.21 -21.23
C GLY B 209 20.38 23.76 -21.53
N PRO B 210 21.47 23.49 -22.25
CA PRO B 210 21.84 22.14 -22.67
C PRO B 210 22.35 21.27 -21.51
N LEU B 211 22.75 21.90 -20.42
CA LEU B 211 23.17 21.16 -19.23
C LEU B 211 22.00 20.71 -18.35
N GLN B 212 20.83 21.29 -18.56
CA GLN B 212 19.68 21.00 -17.70
C GLN B 212 19.48 19.51 -17.41
N PRO B 213 19.40 18.67 -18.47
CA PRO B 213 19.07 17.26 -18.26
C PRO B 213 20.18 16.49 -17.55
N PHE B 214 21.44 16.86 -17.80
CA PHE B 214 22.59 16.30 -17.09
C PHE B 214 22.48 16.62 -15.61
N ALA B 215 22.22 17.90 -15.33
CA ALA B 215 22.12 18.42 -13.98
C ALA B 215 21.00 17.73 -13.22
N SER B 216 19.85 17.58 -13.87
CA SER B 216 18.73 16.88 -13.27
C SER B 216 19.04 15.40 -13.04
N GLN B 217 19.66 14.74 -14.01
CA GLN B 217 19.93 13.31 -13.88
C GLN B 217 20.88 13.06 -12.72
N LEU B 218 21.94 13.84 -12.67
CA LEU B 218 22.99 13.65 -11.67
C LEU B 218 22.51 14.04 -10.27
N SER B 219 21.54 14.96 -10.21
CA SER B 219 20.88 15.30 -8.97
C SER B 219 20.12 14.08 -8.42
N GLY B 220 19.37 13.41 -9.30
CA GLY B 220 18.64 12.21 -8.92
C GLY B 220 19.58 11.16 -8.37
N THR B 221 20.69 10.95 -9.06
CA THR B 221 21.65 9.91 -8.66
C THR B 221 22.18 10.20 -7.26
N PHE B 222 22.51 11.46 -7.04
CA PHE B 222 22.98 11.93 -5.74
C PHE B 222 21.99 11.60 -4.62
N ASN B 223 20.73 11.97 -4.83
CA ASN B 223 19.71 11.79 -3.81
C ASN B 223 19.38 10.34 -3.56
N ALA B 224 19.45 9.53 -4.61
CA ALA B 224 19.17 8.12 -4.48
C ALA B 224 20.22 7.42 -3.61
N GLU B 225 21.49 7.80 -3.80
CA GLU B 225 22.54 7.29 -2.95
C GLU B 225 22.45 7.85 -1.55
N LEU B 226 22.02 9.10 -1.47
CA LEU B 226 21.91 9.77 -0.21
C LEU B 226 20.87 9.09 0.67
N THR B 227 19.66 8.92 0.12
CA THR B 227 18.59 8.31 0.90
C THR B 227 18.89 6.86 1.22
N ALA B 228 19.52 6.16 0.28
CA ALA B 228 19.83 4.75 0.49
C ALA B 228 20.93 4.59 1.55
N GLN B 229 21.96 5.42 1.47
CA GLN B 229 23.04 5.34 2.45
C GLN B 229 22.53 5.71 3.83
N LEU B 230 21.78 6.81 3.91
CA LEU B 230 21.19 7.23 5.18
C LEU B 230 20.27 6.15 5.74
N SER B 231 19.54 5.51 4.85
CA SER B 231 18.65 4.40 5.21
C SER B 231 19.42 3.37 6.03
N GLN B 232 20.71 3.23 5.73
CA GLN B 232 21.50 2.19 6.36
C GLN B 232 22.49 2.74 7.38
N ALA B 233 22.59 4.06 7.48
CA ALA B 233 23.52 4.65 8.44
C ALA B 233 23.04 4.48 9.87
N GLY B 234 21.73 4.40 10.06
CA GLY B 234 21.17 4.31 11.40
C GLY B 234 21.25 5.61 12.20
N ALA B 235 21.45 6.74 11.51
CA ALA B 235 21.37 8.03 12.17
C ALA B 235 19.91 8.50 12.19
N ASN B 236 19.58 9.33 13.18
CA ASN B 236 18.22 9.83 13.29
C ASN B 236 18.02 11.07 12.43
N VAL B 237 17.81 10.86 11.13
CA VAL B 237 17.74 11.95 10.16
C VAL B 237 16.31 12.30 9.74
N ILE B 238 15.99 13.59 9.77
CA ILE B 238 14.78 14.11 9.16
C ILE B 238 15.15 14.65 7.78
N PRO B 239 14.80 13.91 6.71
CA PRO B 239 15.21 14.30 5.37
C PRO B 239 14.28 15.35 4.76
N LEU B 240 14.83 16.37 4.12
CA LEU B 240 13.99 17.37 3.47
C LEU B 240 13.84 17.02 2.01
N ASN B 241 12.62 16.72 1.58
CA ASN B 241 12.41 16.42 0.18
C ASN B 241 12.22 17.70 -0.63
N ILE B 242 13.31 18.44 -0.76
CA ILE B 242 13.34 19.73 -1.45
C ILE B 242 12.87 19.65 -2.91
N PRO B 243 13.35 18.65 -3.66
CA PRO B 243 12.90 18.54 -5.06
C PRO B 243 11.37 18.41 -5.19
N LEU B 244 10.74 17.63 -4.30
CA LEU B 244 9.29 17.44 -4.38
C LEU B 244 8.55 18.71 -3.97
N LEU B 245 9.09 19.39 -2.96
CA LEU B 245 8.51 20.65 -2.52
C LEU B 245 8.54 21.65 -3.68
N LEU B 246 9.67 21.73 -4.37
CA LEU B 246 9.81 22.65 -5.50
C LEU B 246 8.82 22.33 -6.62
N LYS B 247 8.68 21.05 -6.97
CA LYS B 247 7.69 20.69 -7.99
C LYS B 247 6.29 21.17 -7.59
N GLU B 248 5.95 21.02 -6.32
CA GLU B 248 4.65 21.47 -5.83
C GLU B 248 4.51 22.98 -5.92
N GLY B 249 5.59 23.69 -5.59
CA GLY B 249 5.62 25.13 -5.79
C GLY B 249 5.41 25.53 -7.24
N MET B 250 6.04 24.78 -8.15
CA MET B 250 5.94 25.10 -9.57
C MET B 250 4.53 24.91 -10.04
N ALA B 251 3.89 23.84 -9.57
CA ALA B 251 2.54 23.56 -10.03
C ALA B 251 1.55 24.52 -9.42
N ASN B 252 1.87 25.05 -8.25
CA ASN B 252 0.95 25.95 -7.57
C ASN B 252 1.62 27.08 -6.79
N PRO B 253 2.23 28.02 -7.51
CA PRO B 253 3.11 29.05 -6.95
C PRO B 253 2.43 29.99 -5.95
N ALA B 254 1.19 30.36 -6.23
CA ALA B 254 0.45 31.26 -5.36
C ALA B 254 0.27 30.69 -3.95
N SER B 255 0.24 29.37 -3.84
CA SER B 255 0.13 28.70 -2.54
C SER B 255 1.41 28.85 -1.72
N PHE B 256 2.51 29.20 -2.39
CA PHE B 256 3.77 29.44 -1.71
C PHE B 256 4.05 30.94 -1.62
N GLY B 257 3.13 31.75 -2.11
CA GLY B 257 3.31 33.19 -2.10
C GLY B 257 4.16 33.71 -3.26
N LEU B 258 4.45 32.83 -4.21
CA LEU B 258 5.19 33.22 -5.40
C LEU B 258 4.25 33.74 -6.47
N ALA B 259 4.77 34.57 -7.37
CA ALA B 259 3.97 35.10 -8.48
C ALA B 259 3.61 33.99 -9.46
N ALA B 260 2.33 33.89 -9.74
CA ALA B 260 1.81 32.77 -10.52
C ALA B 260 1.97 32.96 -12.03
N ASP B 261 2.26 34.18 -12.44
CA ASP B 261 2.39 34.48 -13.87
C ASP B 261 3.85 34.57 -14.35
N GLN B 262 4.79 34.15 -13.51
CA GLN B 262 6.21 34.35 -13.81
C GLN B 262 6.96 33.05 -14.08
N ASN B 263 8.08 33.18 -14.76
CA ASN B 263 9.00 32.08 -14.97
C ASN B 263 9.95 31.99 -13.76
N LEU B 264 9.61 31.15 -12.78
CA LEU B 264 10.26 31.19 -11.49
C LEU B 264 11.55 30.40 -11.46
N ILE B 265 11.75 29.56 -12.48
CA ILE B 265 12.98 28.80 -12.55
C ILE B 265 14.03 29.46 -13.45
N GLY B 266 13.58 30.22 -14.44
CA GLY B 266 14.50 30.84 -15.40
C GLY B 266 14.79 32.31 -15.21
N THR B 267 14.17 32.95 -14.23
CA THR B 267 14.50 34.33 -13.88
C THR B 267 14.74 34.47 -12.37
N CYS B 268 15.51 35.50 -12.03
CA CYS B 268 15.93 35.76 -10.68
C CYS B 268 15.67 37.21 -10.28
N PHE B 269 15.88 37.51 -9.00
CA PHE B 269 15.63 38.83 -8.49
C PHE B 269 16.79 39.79 -8.76
N SER B 270 18.02 39.32 -8.61
CA SER B 270 19.19 40.18 -8.61
C SER B 270 19.82 40.42 -9.97
N GLY B 271 19.71 39.47 -10.88
CA GLY B 271 20.39 39.61 -12.17
C GLY B 271 21.84 39.12 -12.16
N ASN B 272 22.36 38.68 -11.03
CA ASN B 272 23.73 38.16 -10.95
C ASN B 272 23.87 36.74 -11.49
N GLY B 273 24.34 36.63 -12.72
CA GLY B 273 24.56 35.32 -13.33
C GLY B 273 23.29 34.69 -13.85
N CYS B 274 22.30 35.52 -14.14
CA CYS B 274 20.95 35.02 -14.42
C CYS B 274 20.07 36.16 -14.92
N THR B 275 18.99 35.81 -15.62
CA THR B 275 18.08 36.81 -16.16
C THR B 275 17.17 37.43 -15.10
N MET B 276 17.42 38.68 -14.78
CA MET B 276 16.56 39.39 -13.85
C MET B 276 15.10 39.36 -14.27
N ASN B 277 14.21 38.96 -13.37
CA ASN B 277 12.80 39.11 -13.66
C ASN B 277 12.42 40.59 -13.92
N PRO B 278 11.81 40.87 -15.08
CA PRO B 278 11.46 42.25 -15.49
C PRO B 278 10.45 42.93 -14.57
N THR B 279 9.55 42.16 -13.98
CA THR B 279 8.52 42.75 -13.13
C THR B 279 8.94 42.90 -11.67
N TYR B 280 9.52 41.84 -11.11
CA TYR B 280 9.78 41.82 -9.67
C TYR B 280 11.25 41.84 -9.31
N GLY B 281 12.09 41.94 -10.33
CA GLY B 281 13.53 41.96 -10.15
C GLY B 281 13.96 43.23 -9.50
N ILE B 282 15.22 43.26 -9.08
CA ILE B 282 15.73 44.39 -8.34
C ILE B 282 15.57 45.69 -9.13
N ASN B 283 15.67 45.64 -10.45
CA ASN B 283 15.44 46.82 -11.26
C ASN B 283 14.21 46.72 -12.15
N GLY B 284 13.28 45.86 -11.73
CA GLY B 284 12.05 45.68 -12.45
C GLY B 284 11.04 46.77 -12.15
N SER B 285 9.90 46.70 -12.82
CA SER B 285 8.86 47.71 -12.65
C SER B 285 8.35 47.80 -11.20
N THR B 286 8.21 46.65 -10.54
CA THR B 286 7.81 46.62 -9.14
C THR B 286 8.64 45.66 -8.30
N PRO B 287 9.86 46.06 -7.94
CA PRO B 287 10.75 45.08 -7.35
C PRO B 287 10.14 44.44 -6.10
N ASP B 288 10.21 43.13 -6.04
CA ASP B 288 9.73 42.41 -4.88
C ASP B 288 10.30 41.01 -4.83
N PRO B 289 11.29 40.80 -3.97
CA PRO B 289 12.01 39.52 -3.96
C PRO B 289 11.09 38.40 -3.46
N SER B 290 10.12 38.77 -2.62
CA SER B 290 9.21 37.76 -2.08
C SER B 290 8.32 37.12 -3.13
N LYS B 291 8.21 37.75 -4.29
CA LYS B 291 7.39 37.22 -5.38
C LYS B 291 8.15 36.21 -6.25
N LEU B 292 9.43 36.07 -5.98
CA LEU B 292 10.26 35.19 -6.79
C LEU B 292 10.88 34.11 -5.92
N LEU B 293 11.37 33.07 -6.58
CA LEU B 293 12.00 31.96 -5.90
C LEU B 293 13.52 32.12 -5.80
N PHE B 294 14.13 32.50 -6.92
CA PHE B 294 15.60 32.63 -6.97
C PHE B 294 16.10 34.06 -6.86
N ASN B 295 17.06 34.27 -5.97
CA ASN B 295 17.70 35.57 -5.85
C ASN B 295 18.76 35.76 -6.93
N ASP B 296 19.57 34.73 -7.14
CA ASP B 296 20.53 34.72 -8.22
C ASP B 296 20.44 33.37 -8.93
N SER B 297 21.53 32.86 -9.48
CA SER B 297 21.42 31.65 -10.30
C SER B 297 21.10 30.36 -9.52
N VAL B 298 21.40 30.32 -8.22
CA VAL B 298 21.11 29.14 -7.42
C VAL B 298 20.52 29.40 -6.05
N HIS B 299 20.63 30.62 -5.55
CA HIS B 299 20.22 30.92 -4.17
C HIS B 299 18.81 31.47 -4.05
N PRO B 300 18.04 30.92 -3.10
CA PRO B 300 16.62 31.28 -2.91
C PRO B 300 16.46 32.66 -2.29
N THR B 301 15.43 33.38 -2.71
CA THR B 301 14.99 34.61 -2.06
C THR B 301 14.43 34.35 -0.65
N ILE B 302 14.07 35.43 0.03
CA ILE B 302 13.40 35.37 1.31
C ILE B 302 12.22 34.37 1.29
N THR B 303 11.45 34.36 0.22
CA THR B 303 10.30 33.46 0.13
C THR B 303 10.71 31.98 0.11
N GLY B 304 11.74 31.66 -0.64
CA GLY B 304 12.29 30.32 -0.63
C GLY B 304 12.90 29.95 0.71
N GLN B 305 13.51 30.92 1.39
CA GLN B 305 14.09 30.66 2.69
C GLN B 305 13.00 30.33 3.70
N ARG B 306 11.87 31.04 3.63
CA ARG B 306 10.75 30.84 4.54
C ARG B 306 10.11 29.48 4.29
N LEU B 307 10.01 29.12 3.02
CA LEU B 307 9.47 27.84 2.61
C LEU B 307 10.27 26.70 3.20
N ILE B 308 11.58 26.82 3.14
CA ILE B 308 12.45 25.76 3.64
C ILE B 308 12.32 25.65 5.16
N ALA B 309 12.28 26.80 5.83
CA ALA B 309 12.11 26.84 7.27
C ALA B 309 10.75 26.24 7.68
N ASP B 310 9.68 26.71 7.04
CA ASP B 310 8.31 26.26 7.31
C ASP B 310 8.15 24.77 7.00
N TYR B 311 8.79 24.31 5.94
CA TYR B 311 8.77 22.91 5.57
C TYR B 311 9.37 22.07 6.69
N THR B 312 10.57 22.45 7.13
CA THR B 312 11.24 21.73 8.20
C THR B 312 10.41 21.76 9.47
N TYR B 313 9.87 22.93 9.78
CA TYR B 313 9.07 23.10 10.97
C TYR B 313 7.83 22.21 10.95
N SER B 314 7.21 22.04 9.79
CA SER B 314 5.99 21.26 9.68
C SER B 314 6.27 19.80 10.03
N LEU B 315 7.43 19.34 9.62
CA LEU B 315 7.85 17.98 9.92
C LEU B 315 8.14 17.85 11.42
N LEU B 316 8.85 18.84 11.96
CA LEU B 316 9.30 18.80 13.34
C LEU B 316 8.15 18.96 14.32
N SER B 317 7.09 19.65 13.89
CA SER B 317 6.02 20.05 14.79
C SER B 317 4.91 19.01 14.83
N ALA B 318 5.01 18.05 13.91
CA ALA B 318 4.05 16.97 13.78
C ALA B 318 3.88 16.14 15.06
N PRO B 319 5.00 15.66 15.62
CA PRO B 319 4.85 14.81 16.81
C PRO B 319 4.26 15.58 17.97
N TRP B 320 4.35 16.91 17.99
CA TRP B 320 3.84 17.68 19.13
C TRP B 320 2.33 17.59 19.18
N GLU B 321 1.72 17.21 18.05
CA GLU B 321 0.28 17.06 17.96
C GLU B 321 -0.12 15.58 17.95
N LEU B 322 0.52 14.77 17.11
CA LEU B 322 0.20 13.35 17.03
C LEU B 322 0.27 12.64 18.39
N THR B 323 1.11 13.16 19.26
CA THR B 323 1.39 12.50 20.53
C THR B 323 0.31 12.87 21.54
N LEU B 324 -0.55 13.80 21.16
CA LEU B 324 -1.71 14.19 21.95
C LEU B 324 -2.89 13.23 21.76
N LEU B 325 -2.83 12.39 20.73
CA LEU B 325 -3.94 11.46 20.45
C LEU B 325 -4.23 10.45 21.58
N PRO B 326 -3.18 9.79 22.11
CA PRO B 326 -3.42 8.93 23.27
C PRO B 326 -4.00 9.72 24.43
N GLU B 327 -3.63 11.00 24.54
CA GLU B 327 -4.08 11.81 25.67
C GLU B 327 -5.56 12.16 25.57
N MET B 328 -6.11 12.11 24.36
CA MET B 328 -7.53 12.36 24.16
C MET B 328 -8.29 11.20 24.79
N ALA B 329 -7.79 9.99 24.52
CA ALA B 329 -8.43 8.78 25.04
C ALA B 329 -8.29 8.63 26.56
N HIS B 330 -7.11 8.95 27.11
CA HIS B 330 -6.95 9.01 28.57
C HIS B 330 -7.94 10.01 29.15
N GLY B 331 -8.13 11.13 28.44
CA GLY B 331 -9.08 12.14 28.86
C GLY B 331 -10.51 11.61 28.93
N THR B 332 -10.98 10.98 27.86
CA THR B 332 -12.33 10.43 27.83
C THR B 332 -12.48 9.24 28.78
N LEU B 333 -11.42 8.45 28.94
CA LEU B 333 -11.42 7.33 29.85
C LEU B 333 -11.64 7.81 31.27
N ARG B 334 -10.96 8.90 31.63
CA ARG B 334 -11.02 9.44 32.98
C ARG B 334 -12.36 10.12 33.27
N ALA B 335 -12.98 10.68 32.24
CA ALA B 335 -14.30 11.30 32.37
C ALA B 335 -15.35 10.20 32.57
N TYR B 336 -15.21 9.15 31.77
CA TYR B 336 -16.00 7.93 31.88
C TYR B 336 -15.95 7.37 33.31
N GLN B 337 -14.73 7.27 33.85
CA GLN B 337 -14.54 6.77 35.19
C GLN B 337 -15.15 7.71 36.21
N ASP B 338 -15.03 9.02 35.98
CA ASP B 338 -15.63 10.00 36.89
C ASP B 338 -17.17 9.85 36.96
N GLU B 339 -17.77 9.55 35.81
CA GLU B 339 -19.21 9.44 35.72
C GLU B 339 -19.68 8.22 36.49
N LEU B 340 -18.87 7.15 36.44
CA LEU B 340 -19.15 5.93 37.17
C LEU B 340 -19.02 6.15 38.67
N ARG B 341 -17.95 6.85 39.05
CA ARG B 341 -17.67 7.10 40.45
C ARG B 341 -18.79 7.93 41.06
N SER B 342 -19.35 8.82 40.25
CA SER B 342 -20.43 9.69 40.66
C SER B 342 -21.64 8.83 41.04
N GLN B 343 -21.90 7.78 40.26
CA GLN B 343 -22.96 6.82 40.58
C GLN B 343 -22.67 6.07 41.88
N TRP B 344 -21.41 5.67 42.07
CA TRP B 344 -21.00 4.97 43.28
C TRP B 344 -21.12 5.85 44.50
N GLN B 345 -20.80 7.14 44.36
CA GLN B 345 -20.89 8.05 45.49
C GLN B 345 -22.34 8.37 45.87
N ALA B 346 -23.20 8.43 44.88
CA ALA B 346 -24.63 8.52 45.11
C ALA B 346 -25.17 7.24 45.76
N ASP B 347 -24.52 6.11 45.46
CA ASP B 347 -24.94 4.82 45.99
C ASP B 347 -24.25 4.49 47.31
N TRP B 348 -23.20 5.24 47.63
CA TRP B 348 -22.41 4.99 48.84
C TRP B 348 -23.29 4.91 50.09
N GLU B 349 -23.19 3.81 50.83
CA GLU B 349 -24.05 3.57 52.00
C GLU B 349 -25.51 3.74 51.63
N ASN B 350 -25.93 3.16 50.51
CA ASN B 350 -27.25 3.43 49.98
C ASN B 350 -27.51 2.56 48.76
N TRP B 351 -27.13 1.29 48.86
CA TRP B 351 -27.33 0.34 47.76
C TRP B 351 -28.78 -0.10 47.63
N GLN B 352 -29.10 -0.71 46.49
CA GLN B 352 -30.40 -1.33 46.30
C GLN B 352 -30.52 -2.52 47.25
N ASN B 353 -31.68 -3.17 47.25
CA ASN B 353 -31.87 -4.36 48.06
C ASN B 353 -31.04 -5.51 47.51
N VAL B 354 -30.71 -6.46 48.37
CA VAL B 354 -30.06 -7.68 47.92
C VAL B 354 -30.88 -8.33 46.81
N GLY B 355 -30.22 -8.85 45.80
CA GLY B 355 -30.90 -9.45 44.66
C GLY B 355 -31.49 -8.46 43.66
N GLN B 356 -31.32 -7.17 43.92
CA GLN B 356 -31.89 -6.16 43.04
C GLN B 356 -30.87 -5.47 42.11
N TRP B 357 -31.33 -5.14 40.92
CA TRP B 357 -30.55 -4.43 39.93
C TRP B 357 -30.78 -2.94 40.07
N ARG B 358 -29.71 -2.15 39.97
CA ARG B 358 -29.84 -0.70 39.87
C ARG B 358 -29.18 -0.22 38.58
N GLY B 359 -29.98 0.36 37.71
CA GLY B 359 -29.50 0.79 36.42
C GLY B 359 -29.51 2.29 36.28
N PHE B 360 -28.67 2.79 35.37
CA PHE B 360 -28.64 4.22 35.10
C PHE B 360 -28.33 4.50 33.63
N VAL B 361 -28.86 5.60 33.15
CA VAL B 361 -28.47 6.12 31.85
C VAL B 361 -28.25 7.59 32.06
N GLY B 362 -27.31 8.14 31.32
CA GLY B 362 -26.98 9.53 31.44
C GLY B 362 -25.97 9.90 30.38
N GLY B 363 -25.59 11.17 30.37
CA GLY B 363 -24.60 11.65 29.44
C GLY B 363 -24.07 12.96 29.96
N GLY B 364 -23.29 13.62 29.14
CA GLY B 364 -22.74 14.90 29.57
C GLY B 364 -21.73 15.37 28.57
N GLY B 365 -21.02 16.41 28.99
CA GLY B 365 -20.00 17.00 28.15
C GLY B 365 -18.67 16.97 28.87
N GLN B 366 -17.61 17.10 28.10
CA GLN B 366 -16.29 17.19 28.69
C GLN B 366 -15.43 18.16 27.90
N ARG B 367 -14.48 18.77 28.58
CA ARG B 367 -13.53 19.65 27.92
C ARG B 367 -12.10 19.25 28.25
N LEU B 368 -11.25 19.25 27.22
CA LEU B 368 -9.83 18.96 27.37
C LEU B 368 -9.03 20.23 27.06
N ASP B 369 -8.03 20.51 27.90
CA ASP B 369 -7.26 21.73 27.75
C ASP B 369 -5.79 21.47 28.06
N PHE B 370 -4.99 21.40 27.00
CA PHE B 370 -3.54 21.19 27.13
C PHE B 370 -2.75 22.47 26.90
N ASP B 371 -1.83 22.74 27.82
CA ASP B 371 -0.84 23.80 27.62
C ASP B 371 0.38 23.25 26.88
N SER B 372 1.07 24.12 26.14
CA SER B 372 2.26 23.71 25.41
C SER B 372 3.33 23.16 26.35
N GLN B 373 4.09 22.18 25.86
CA GLN B 373 5.29 21.69 26.53
C GLN B 373 6.50 21.87 25.60
N ASP B 374 7.66 21.37 26.02
CA ASP B 374 8.85 21.46 25.21
C ASP B 374 8.65 20.71 23.90
N SER B 375 8.02 19.55 23.96
CA SER B 375 7.71 18.78 22.75
C SER B 375 6.23 18.39 22.65
N ALA B 376 5.33 19.27 23.09
CA ALA B 376 3.90 19.05 22.90
C ALA B 376 3.14 20.36 22.64
N ALA B 377 2.24 20.30 21.66
CA ALA B 377 1.44 21.44 21.26
C ALA B 377 0.37 21.78 22.31
N SER B 378 0.05 23.07 22.43
CA SER B 378 -1.10 23.46 23.20
C SER B 378 -2.32 23.04 22.39
N GLY B 379 -3.42 22.74 23.06
CA GLY B 379 -4.63 22.32 22.38
C GLY B 379 -5.80 22.31 23.32
N ASP B 380 -7.00 22.34 22.76
CA ASP B 380 -8.21 22.31 23.57
C ASP B 380 -9.38 21.84 22.72
N GLY B 381 -10.43 21.36 23.37
CA GLY B 381 -11.57 20.86 22.63
C GLY B 381 -12.67 20.33 23.51
N ASN B 382 -13.89 20.39 22.99
CA ASN B 382 -15.06 19.89 23.67
C ASN B 382 -15.49 18.51 23.18
N GLY B 383 -16.21 17.80 24.02
CA GLY B 383 -16.79 16.52 23.67
C GLY B 383 -18.08 16.25 24.43
N TYR B 384 -18.77 15.18 24.05
CA TYR B 384 -19.98 14.78 24.76
C TYR B 384 -19.97 13.28 24.92
N ASN B 385 -20.90 12.75 25.69
CA ASN B 385 -20.91 11.32 25.95
C ASN B 385 -22.26 10.78 26.35
N LEU B 386 -22.46 9.49 26.09
CA LEU B 386 -23.60 8.76 26.61
C LEU B 386 -23.05 7.60 27.41
N THR B 387 -23.51 7.47 28.66
CA THR B 387 -23.08 6.38 29.51
C THR B 387 -24.27 5.69 30.14
N LEU B 388 -24.23 4.36 30.17
CA LEU B 388 -25.22 3.60 30.88
C LEU B 388 -24.57 2.43 31.61
N GLY B 389 -25.28 1.86 32.57
CA GLY B 389 -24.73 0.78 33.35
C GLY B 389 -25.73 0.21 34.33
N GLY B 390 -25.27 -0.78 35.09
CA GLY B 390 -26.12 -1.45 36.05
C GLY B 390 -25.29 -2.25 37.03
N SER B 391 -25.70 -2.22 38.30
CA SER B 391 -25.08 -3.05 39.30
C SER B 391 -26.10 -4.01 39.88
N TYR B 392 -25.60 -5.12 40.39
CA TYR B 392 -26.45 -6.10 41.04
C TYR B 392 -25.92 -6.32 42.44
N ARG B 393 -26.77 -6.16 43.44
CA ARG B 393 -26.36 -6.42 44.81
C ARG B 393 -26.37 -7.92 45.08
N ILE B 394 -25.18 -8.51 45.14
CA ILE B 394 -25.05 -9.94 45.31
C ILE B 394 -25.41 -10.35 46.72
N ASP B 395 -25.19 -9.42 47.65
CA ASP B 395 -24.92 -9.80 49.01
C ASP B 395 -25.14 -8.57 49.88
N GLU B 396 -24.90 -8.72 51.17
CA GLU B 396 -24.94 -7.58 52.07
C GLU B 396 -23.78 -6.63 51.79
N ALA B 397 -22.58 -7.20 51.59
CA ALA B 397 -21.35 -6.41 51.52
C ALA B 397 -20.77 -6.34 50.11
N TRP B 398 -21.36 -7.07 49.18
CA TRP B 398 -20.80 -7.16 47.84
C TRP B 398 -21.76 -6.69 46.76
N ARG B 399 -21.19 -6.19 45.67
CA ARG B 399 -21.96 -5.70 44.55
C ARG B 399 -21.08 -5.83 43.31
N ALA B 400 -21.68 -6.25 42.21
CA ALA B 400 -20.97 -6.33 40.95
C ALA B 400 -21.82 -5.70 39.85
N GLY B 401 -21.17 -5.18 38.81
CA GLY B 401 -21.89 -4.57 37.71
C GLY B 401 -21.07 -4.36 36.45
N VAL B 402 -21.70 -3.78 35.45
CA VAL B 402 -21.04 -3.47 34.20
C VAL B 402 -21.54 -2.13 33.70
N ALA B 403 -20.73 -1.49 32.85
CA ALA B 403 -21.07 -0.17 32.30
C ALA B 403 -20.51 -0.01 30.89
N ALA B 404 -21.06 0.97 30.18
CA ALA B 404 -20.62 1.25 28.84
C ALA B 404 -20.73 2.74 28.60
N GLY B 405 -19.80 3.27 27.81
CA GLY B 405 -19.80 4.69 27.50
C GLY B 405 -19.41 4.95 26.05
N PHE B 406 -20.05 5.95 25.46
CA PHE B 406 -19.77 6.35 24.10
C PHE B 406 -19.38 7.82 24.14
N TYR B 407 -18.12 8.08 23.77
CA TYR B 407 -17.55 9.41 23.87
C TYR B 407 -17.11 9.97 22.52
N ARG B 408 -17.52 11.19 22.25
CA ARG B 408 -17.07 11.90 21.07
C ARG B 408 -16.23 13.05 21.59
N GLN B 409 -14.98 13.12 21.13
CA GLN B 409 -14.06 14.18 21.56
C GLN B 409 -13.34 14.84 20.39
N LYS B 410 -13.35 16.17 20.37
CA LYS B 410 -12.58 16.88 19.37
C LYS B 410 -11.47 17.69 20.03
N LEU B 411 -10.41 17.94 19.28
CA LEU B 411 -9.28 18.72 19.79
C LEU B 411 -8.74 19.61 18.68
N GLU B 412 -8.54 20.89 19.02
CA GLU B 412 -7.81 21.82 18.13
C GLU B 412 -6.45 22.07 18.72
N ALA B 413 -5.42 21.67 17.99
CA ALA B 413 -4.06 21.84 18.49
C ALA B 413 -3.09 22.47 17.48
N GLY B 414 -2.06 23.09 18.02
CA GLY B 414 -0.99 23.62 17.20
C GLY B 414 -1.26 25.01 16.67
N ALA B 415 -0.26 25.55 16.00
CA ALA B 415 -0.32 26.92 15.47
C ALA B 415 -1.50 27.16 14.55
N LYS B 416 -1.95 26.14 13.83
CA LYS B 416 -2.98 26.38 12.80
C LYS B 416 -4.29 25.70 13.12
N ASP B 417 -4.45 25.34 14.40
CA ASP B 417 -5.64 24.67 14.87
C ASP B 417 -5.89 23.36 14.14
N SER B 418 -4.88 22.51 14.10
CA SER B 418 -5.09 21.18 13.57
C SER B 418 -6.32 20.60 14.25
N ASP B 419 -7.08 19.83 13.49
CA ASP B 419 -8.38 19.37 13.94
C ASP B 419 -8.38 17.85 14.06
N TYR B 420 -8.52 17.38 15.29
CA TYR B 420 -8.53 15.94 15.57
C TYR B 420 -9.81 15.48 16.27
N ARG B 421 -10.43 14.44 15.75
CA ARG B 421 -11.70 13.96 16.29
C ARG B 421 -11.66 12.47 16.58
N MET B 422 -12.26 12.09 17.71
CA MET B 422 -12.17 10.71 18.18
C MET B 422 -13.48 10.17 18.75
N ASN B 423 -13.79 8.93 18.39
CA ASN B 423 -14.88 8.19 18.97
C ASN B 423 -14.33 7.11 19.91
N SER B 424 -14.75 7.16 21.17
CA SER B 424 -14.31 6.16 22.14
C SER B 424 -15.48 5.32 22.63
N TYR B 425 -15.37 4.00 22.48
CA TYR B 425 -16.36 3.05 22.98
C TYR B 425 -15.77 2.26 24.16
N MET B 426 -16.25 2.51 25.36
CA MET B 426 -15.73 1.83 26.53
C MET B 426 -16.79 0.98 27.23
N ALA B 427 -16.31 -0.08 27.89
CA ALA B 427 -17.15 -0.91 28.74
C ALA B 427 -16.32 -1.38 29.92
N SER B 428 -17.00 -1.71 31.01
CA SER B 428 -16.30 -2.23 32.17
C SER B 428 -17.12 -3.23 33.00
N ALA B 429 -16.39 -4.03 33.76
CA ALA B 429 -16.97 -4.87 34.77
C ALA B 429 -16.33 -4.42 36.06
N PHE B 430 -17.14 -4.30 37.11
CA PHE B 430 -16.63 -3.82 38.38
C PHE B 430 -17.20 -4.58 39.57
N VAL B 431 -16.50 -4.50 40.69
CA VAL B 431 -16.94 -5.15 41.90
C VAL B 431 -16.75 -4.16 43.03
N GLN B 432 -17.63 -4.25 44.03
CA GLN B 432 -17.61 -3.34 45.16
C GLN B 432 -17.83 -4.06 46.49
N TYR B 433 -17.20 -3.52 47.51
CA TYR B 433 -17.34 -4.06 48.86
C TYR B 433 -17.57 -2.91 49.82
N GLN B 434 -18.57 -3.05 50.68
CA GLN B 434 -18.71 -2.15 51.82
C GLN B 434 -19.31 -2.86 53.01
N GLU B 435 -18.53 -2.88 54.10
CA GLU B 435 -18.92 -3.57 55.32
C GLU B 435 -18.19 -2.91 56.48
N ASN B 436 -18.96 -2.53 57.50
CA ASN B 436 -18.40 -2.10 58.78
C ASN B 436 -17.42 -0.92 58.67
N ARG B 437 -17.80 0.08 57.87
CA ARG B 437 -17.01 1.31 57.66
C ARG B 437 -15.89 1.15 56.63
N TRP B 438 -15.65 -0.08 56.21
CA TRP B 438 -14.67 -0.34 55.16
C TRP B 438 -15.38 -0.37 53.82
N TRP B 439 -14.71 0.15 52.79
CA TRP B 439 -15.23 0.06 51.41
C TRP B 439 -14.11 0.04 50.37
N ALA B 440 -14.39 -0.60 49.24
CA ALA B 440 -13.38 -0.81 48.21
C ALA B 440 -14.00 -0.99 46.83
N ASP B 441 -13.31 -0.49 45.81
CA ASP B 441 -13.76 -0.57 44.42
C ASP B 441 -12.71 -1.23 43.53
N ALA B 442 -13.17 -1.94 42.51
CA ALA B 442 -12.28 -2.53 41.53
C ALA B 442 -12.99 -2.61 40.20
N ALA B 443 -12.32 -2.16 39.15
CA ALA B 443 -12.95 -2.05 37.85
C ALA B 443 -11.99 -2.37 36.72
N LEU B 444 -12.41 -3.28 35.85
CA LEU B 444 -11.68 -3.60 34.65
C LEU B 444 -12.40 -2.99 33.46
N THR B 445 -11.69 -2.15 32.71
CA THR B 445 -12.29 -1.43 31.59
C THR B 445 -11.57 -1.71 30.28
N GLY B 446 -12.33 -1.83 29.21
CA GLY B 446 -11.80 -1.98 27.88
C GLY B 446 -12.40 -0.94 26.97
N GLY B 447 -11.74 -0.66 25.85
CA GLY B 447 -12.22 0.37 24.94
C GLY B 447 -11.69 0.24 23.52
N TYR B 448 -12.53 0.58 22.56
CA TYR B 448 -12.08 0.71 21.18
C TYR B 448 -12.11 2.17 20.73
N LEU B 449 -11.09 2.58 20.00
CA LEU B 449 -10.95 3.97 19.57
C LEU B 449 -11.00 4.16 18.05
N ASP B 450 -11.93 4.99 17.61
CA ASP B 450 -12.01 5.36 16.20
C ASP B 450 -11.62 6.82 16.03
N TYR B 451 -10.40 7.05 15.56
CA TYR B 451 -9.99 8.41 15.24
C TYR B 451 -10.40 8.70 13.82
N ASP B 452 -11.64 9.15 13.66
CA ASP B 452 -12.27 9.18 12.34
C ASP B 452 -11.88 10.39 11.50
N ASP B 453 -11.36 11.43 12.13
CA ASP B 453 -10.95 12.63 11.39
C ASP B 453 -9.70 13.29 11.96
N LEU B 454 -8.60 13.14 11.25
CA LEU B 454 -7.30 13.65 11.67
C LEU B 454 -6.77 14.67 10.65
N LYS B 455 -6.99 15.95 10.90
CA LYS B 455 -6.58 17.00 9.97
C LYS B 455 -5.46 17.88 10.52
N ARG B 456 -4.24 17.59 10.10
CA ARG B 456 -3.07 18.29 10.62
C ARG B 456 -2.75 19.52 9.75
N LYS B 457 -2.74 20.68 10.41
CA LYS B 457 -2.53 21.94 9.72
C LYS B 457 -1.23 22.59 10.17
N PHE B 458 -0.56 23.26 9.24
CA PHE B 458 0.69 23.92 9.56
C PHE B 458 0.90 25.10 8.63
N ALA B 459 1.78 26.01 9.05
CA ALA B 459 2.08 27.19 8.25
C ALA B 459 2.94 26.81 7.05
N LEU B 460 2.58 27.32 5.89
CA LEU B 460 3.39 27.12 4.70
C LEU B 460 3.00 28.15 3.65
N GLY B 461 4.00 28.70 2.96
CA GLY B 461 3.78 29.64 1.88
C GLY B 461 3.03 30.91 2.25
N GLY B 462 3.18 31.33 3.50
CA GLY B 462 2.43 32.47 4.00
C GLY B 462 0.98 32.14 4.25
N GLY B 463 0.56 30.93 3.89
CA GLY B 463 -0.78 30.46 4.21
C GLY B 463 -0.68 29.24 5.10
N GLU B 464 -1.44 28.21 4.79
CA GLU B 464 -1.35 26.96 5.52
C GLU B 464 -1.60 25.78 4.60
N ARG B 465 -1.01 24.65 4.93
CA ARG B 465 -1.34 23.39 4.27
C ARG B 465 -1.89 22.40 5.31
N SER B 466 -2.68 21.44 4.85
CA SER B 466 -3.18 20.40 5.74
C SER B 466 -2.90 19.01 5.18
N GLU B 467 -2.63 18.06 6.08
CA GLU B 467 -2.52 16.66 5.72
C GLU B 467 -3.55 15.89 6.55
N LYS B 468 -4.16 14.86 5.95
CA LYS B 468 -5.33 14.23 6.52
C LYS B 468 -5.17 12.73 6.66
N GLY B 469 -5.76 12.19 7.71
CA GLY B 469 -5.73 10.76 7.96
C GLY B 469 -6.81 10.35 8.94
N ASP B 470 -6.79 9.06 9.27
CA ASP B 470 -7.71 8.52 10.25
C ASP B 470 -7.09 7.24 10.75
N THR B 471 -7.38 6.87 11.99
CA THR B 471 -6.77 5.68 12.55
C THR B 471 -7.65 5.01 13.63
N ASN B 472 -7.13 3.92 14.19
CA ASN B 472 -7.84 3.20 15.22
C ASN B 472 -6.92 2.97 16.40
N GLY B 473 -7.52 2.59 17.52
CA GLY B 473 -6.75 2.29 18.71
C GLY B 473 -7.63 1.54 19.67
N HIS B 474 -7.09 1.28 20.85
CA HIS B 474 -7.82 0.54 21.86
C HIS B 474 -7.18 0.86 23.19
N LEU B 475 -7.89 0.55 24.27
CA LEU B 475 -7.36 0.80 25.60
C LEU B 475 -7.87 -0.24 26.58
N TRP B 476 -7.12 -0.46 27.64
CA TRP B 476 -7.62 -1.22 28.75
C TRP B 476 -7.14 -0.57 30.05
N ALA B 477 -7.95 -0.72 31.10
CA ALA B 477 -7.65 -0.09 32.37
C ALA B 477 -8.15 -0.89 33.56
N PHE B 478 -7.41 -0.80 34.66
CA PHE B 478 -7.86 -1.29 35.93
C PHE B 478 -7.82 -0.15 36.94
N SER B 479 -8.88 -0.01 37.72
CA SER B 479 -8.90 0.97 38.80
C SER B 479 -9.38 0.33 40.08
N ALA B 480 -8.77 0.72 41.19
CA ALA B 480 -9.15 0.24 42.50
C ALA B 480 -8.96 1.35 43.51
N ARG B 481 -9.73 1.28 44.60
CA ARG B 481 -9.54 2.22 45.70
C ARG B 481 -10.14 1.66 46.97
N LEU B 482 -9.75 2.25 48.08
CA LEU B 482 -10.10 1.70 49.37
C LEU B 482 -10.18 2.82 50.39
N GLY B 483 -11.15 2.72 51.30
CA GLY B 483 -11.40 3.76 52.28
C GLY B 483 -12.06 3.27 53.55
N TYR B 484 -12.06 4.13 54.56
CA TYR B 484 -12.66 3.83 55.85
C TYR B 484 -13.52 5.00 56.30
N ASP B 485 -14.80 4.75 56.54
CA ASP B 485 -15.74 5.79 56.89
C ASP B 485 -15.50 6.31 58.31
N ILE B 486 -15.45 7.63 58.45
CA ILE B 486 -15.28 8.25 59.75
C ILE B 486 -16.57 8.13 60.56
N ALA B 487 -17.68 8.00 59.84
CA ALA B 487 -18.95 7.67 60.47
C ALA B 487 -18.94 6.18 60.87
N GLN B 488 -19.15 5.90 62.16
CA GLN B 488 -19.23 4.51 62.64
C GLN B 488 -20.49 3.88 62.07
N GLN B 489 -21.39 4.76 61.68
CA GLN B 489 -22.79 4.47 61.49
C GLN B 489 -23.13 4.21 60.01
N ALA B 490 -23.21 2.93 59.62
CA ALA B 490 -23.55 2.59 58.25
C ALA B 490 -24.77 3.35 57.73
N ASP B 491 -25.74 3.60 58.61
CA ASP B 491 -26.92 4.36 58.21
C ASP B 491 -26.92 5.82 58.69
N SER B 492 -25.71 6.35 58.90
CA SER B 492 -25.53 7.78 59.22
C SER B 492 -26.02 8.66 58.07
N PRO B 493 -26.43 9.91 58.39
CA PRO B 493 -26.84 10.89 57.38
C PRO B 493 -25.63 11.50 56.66
N TRP B 494 -24.47 11.42 57.32
CA TRP B 494 -23.24 11.90 56.73
C TRP B 494 -22.22 10.78 56.63
N HIS B 495 -21.37 10.85 55.62
CA HIS B 495 -20.25 9.93 55.54
C HIS B 495 -19.02 10.68 55.04
N LEU B 496 -17.87 10.32 55.62
CA LEU B 496 -16.63 11.01 55.32
C LEU B 496 -15.52 9.99 55.33
N SER B 497 -14.82 9.86 54.22
CA SER B 497 -13.89 8.75 54.07
C SER B 497 -12.64 9.13 53.29
N PRO B 498 -11.48 8.97 53.94
CA PRO B 498 -10.19 9.03 53.28
C PRO B 498 -10.00 7.75 52.49
N PHE B 499 -9.27 7.82 51.38
CA PHE B 499 -9.05 6.64 50.57
C PHE B 499 -7.73 6.67 49.81
N VAL B 500 -7.29 5.50 49.38
CA VAL B 500 -6.15 5.40 48.49
C VAL B 500 -6.64 4.75 47.21
N SER B 501 -6.06 5.18 46.09
CA SER B 501 -6.43 4.63 44.81
C SER B 501 -5.23 4.10 44.04
N ALA B 502 -5.48 3.15 43.16
CA ALA B 502 -4.48 2.68 42.21
C ALA B 502 -5.12 2.60 40.83
N ASP B 503 -4.35 2.98 39.81
CA ASP B 503 -4.84 3.00 38.44
C ASP B 503 -3.77 2.57 37.45
N TYR B 504 -4.14 1.64 36.57
CA TYR B 504 -3.34 1.38 35.39
C TYR B 504 -4.22 1.57 34.18
N ALA B 505 -3.62 2.12 33.13
CA ALA B 505 -4.32 2.40 31.89
C ALA B 505 -3.32 2.42 30.74
N ARG B 506 -3.52 1.54 29.78
CA ARG B 506 -2.70 1.53 28.59
C ARG B 506 -3.55 1.94 27.40
N VAL B 507 -3.18 3.05 26.76
CA VAL B 507 -3.82 3.51 25.54
C VAL B 507 -2.90 3.28 24.35
N GLU B 508 -3.42 2.67 23.29
CA GLU B 508 -2.62 2.47 22.10
C GLU B 508 -3.36 2.93 20.84
N VAL B 509 -2.74 3.83 20.10
CA VAL B 509 -3.33 4.25 18.82
C VAL B 509 -2.46 3.79 17.66
N ASP B 510 -3.09 3.08 16.71
CA ASP B 510 -2.39 2.49 15.58
C ASP B 510 -1.75 3.57 14.75
N GLY B 511 -0.58 3.27 14.20
CA GLY B 511 0.03 4.14 13.24
C GLY B 511 -0.85 4.28 12.01
N TYR B 512 -0.59 5.31 11.21
CA TYR B 512 -1.30 5.47 9.94
C TYR B 512 -0.52 6.38 9.00
N SER B 513 -0.92 6.35 7.75
CA SER B 513 -0.26 7.13 6.71
C SER B 513 -1.22 8.20 6.24
N GLU B 514 -0.81 9.47 6.37
CA GLU B 514 -1.58 10.57 5.85
C GLU B 514 -1.83 10.36 4.35
N LYS B 515 -3.01 10.80 3.89
CA LYS B 515 -3.42 10.55 2.50
C LYS B 515 -2.46 11.20 1.50
N GLY B 516 -2.26 10.52 0.38
CA GLY B 516 -1.39 11.00 -0.68
C GLY B 516 0.08 10.94 -0.33
N ALA B 517 0.89 11.67 -1.10
CA ALA B 517 2.33 11.57 -1.00
C ALA B 517 3.01 12.91 -1.29
N SER B 518 2.40 13.99 -0.81
CA SER B 518 3.01 15.31 -0.88
C SER B 518 4.37 15.31 -0.16
N ALA B 519 5.12 16.39 -0.32
CA ALA B 519 6.43 16.50 0.31
C ALA B 519 6.28 16.57 1.84
N THR B 520 5.13 17.00 2.31
CA THR B 520 4.92 17.19 3.73
C THR B 520 4.15 16.03 4.41
N ALA B 521 3.73 15.05 3.62
CA ALA B 521 2.88 13.96 4.12
C ALA B 521 3.66 12.95 4.96
N LEU B 522 3.14 12.64 6.14
CA LEU B 522 3.84 11.75 7.06
C LEU B 522 3.15 10.41 7.26
N ASP B 523 3.96 9.42 7.57
CA ASP B 523 3.50 8.10 7.94
C ASP B 523 3.94 7.81 9.37
N TYR B 524 2.99 7.55 10.26
CA TYR B 524 3.30 7.35 11.68
C TYR B 524 3.26 5.90 12.15
N ASP B 525 4.09 5.61 13.13
CA ASP B 525 4.12 4.30 13.75
C ASP B 525 3.01 4.16 14.78
N ASP B 526 2.81 2.93 15.25
CA ASP B 526 1.92 2.69 16.36
C ASP B 526 2.38 3.52 17.54
N GLN B 527 1.42 3.97 18.33
CA GLN B 527 1.70 4.81 19.47
C GLN B 527 1.08 4.17 20.72
N LYS B 528 1.84 4.10 21.81
CA LYS B 528 1.23 3.68 23.06
C LYS B 528 1.69 4.49 24.25
N ARG B 529 0.78 4.69 25.19
CA ARG B 529 1.07 5.48 26.37
C ARG B 529 0.37 4.93 27.63
N SER B 530 1.18 4.60 28.62
CA SER B 530 0.70 3.93 29.81
C SER B 530 0.63 4.90 30.96
N SER B 531 -0.34 4.69 31.85
CA SER B 531 -0.46 5.50 33.05
C SER B 531 -0.45 4.61 34.28
N LYS B 532 0.45 4.89 35.21
CA LYS B 532 0.49 4.19 36.49
C LYS B 532 0.35 5.24 37.59
N ARG B 533 -0.79 5.22 38.29
CA ARG B 533 -1.09 6.23 39.28
C ARG B 533 -1.44 5.67 40.66
N LEU B 534 -0.88 6.29 41.68
CA LEU B 534 -1.28 6.02 43.05
C LEU B 534 -1.87 7.29 43.63
N GLY B 535 -3.00 7.17 44.31
CA GLY B 535 -3.69 8.35 44.82
C GLY B 535 -4.16 8.24 46.26
N ALA B 536 -4.41 9.40 46.85
CA ALA B 536 -5.03 9.50 48.15
C ALA B 536 -6.07 10.60 48.04
N GLY B 537 -7.17 10.46 48.75
CA GLY B 537 -8.23 11.43 48.64
C GLY B 537 -9.20 11.43 49.80
N LEU B 538 -10.12 12.36 49.78
CA LEU B 538 -11.18 12.42 50.77
C LEU B 538 -12.50 12.55 50.04
N GLN B 539 -13.44 11.68 50.38
CA GLN B 539 -14.76 11.81 49.81
C GLN B 539 -15.76 11.83 50.94
N GLY B 540 -16.89 12.48 50.70
CA GLY B 540 -17.91 12.55 51.71
C GLY B 540 -19.24 12.86 51.09
N LYS B 541 -20.30 12.74 51.87
CA LYS B 541 -21.59 13.19 51.42
C LYS B 541 -22.58 13.41 52.54
N TYR B 542 -23.64 14.13 52.22
CA TYR B 542 -24.68 14.43 53.18
C TYR B 542 -26.06 14.23 52.56
N ALA B 543 -26.88 13.44 53.25
CA ALA B 543 -28.24 13.20 52.82
C ALA B 543 -29.17 14.16 53.54
N PHE B 544 -30.05 14.82 52.79
CA PHE B 544 -31.04 15.69 53.38
C PHE B 544 -32.39 15.00 53.37
N GLY B 545 -32.45 13.86 54.03
CA GLY B 545 -33.70 13.15 54.20
C GLY B 545 -34.16 12.39 52.97
N SER B 546 -33.43 11.33 52.64
CA SER B 546 -33.89 10.31 51.68
C SER B 546 -34.36 10.79 50.30
N ASP B 547 -34.45 12.09 50.10
CA ASP B 547 -34.88 12.62 48.80
C ASP B 547 -33.73 13.27 48.06
N THR B 548 -32.84 13.90 48.81
CA THR B 548 -31.78 14.67 48.20
C THR B 548 -30.46 14.46 48.93
N GLN B 549 -29.38 14.39 48.17
CA GLN B 549 -28.06 14.25 48.76
C GLN B 549 -27.00 14.98 47.95
N LEU B 550 -25.96 15.41 48.66
CA LEU B 550 -24.84 16.08 48.04
C LEU B 550 -23.59 15.32 48.43
N PHE B 551 -22.70 15.12 47.46
CA PHE B 551 -21.46 14.43 47.73
C PHE B 551 -20.31 15.13 46.99
N ALA B 552 -19.10 14.95 47.51
CA ALA B 552 -17.94 15.55 46.88
C ALA B 552 -16.69 14.74 47.22
N GLU B 553 -15.64 14.97 46.44
CA GLU B 553 -14.35 14.35 46.72
C GLU B 553 -13.20 15.18 46.18
N TYR B 554 -12.07 15.07 46.85
CA TYR B 554 -10.82 15.62 46.39
C TYR B 554 -9.80 14.48 46.33
N ALA B 555 -8.94 14.48 45.32
CA ALA B 555 -7.88 13.48 45.24
C ALA B 555 -6.61 14.07 44.66
N HIS B 556 -5.49 13.57 45.15
CA HIS B 556 -4.20 13.90 44.61
C HIS B 556 -3.54 12.61 44.15
N GLU B 557 -3.18 12.55 42.87
CA GLU B 557 -2.53 11.36 42.32
C GLU B 557 -1.11 11.62 41.86
N ARG B 558 -0.31 10.56 41.83
CA ARG B 558 1.03 10.65 41.33
C ARG B 558 1.11 9.75 40.11
N GLU B 559 1.64 10.27 39.00
CA GLU B 559 1.94 9.49 37.79
C GLU B 559 3.34 8.95 37.89
N TYR B 560 3.47 7.64 37.74
CA TYR B 560 4.78 7.03 37.76
C TYR B 560 5.33 6.81 36.35
N GLU B 561 4.46 6.89 35.36
CA GLU B 561 4.87 6.77 33.96
C GLU B 561 4.97 8.17 33.38
N ASP B 562 6.00 8.90 33.79
CA ASP B 562 6.15 10.29 33.40
C ASP B 562 7.36 10.55 32.49
N ASP B 563 7.68 9.57 31.63
CA ASP B 563 8.72 9.77 30.62
C ASP B 563 8.14 10.48 29.41
N THR B 564 8.95 11.33 28.81
CA THR B 564 8.60 11.94 27.55
C THR B 564 8.36 10.84 26.55
N GLN B 565 7.24 10.95 25.84
CA GLN B 565 6.90 10.01 24.79
C GLN B 565 7.64 10.36 23.51
N ASP B 566 7.74 9.40 22.59
CA ASP B 566 8.24 9.72 21.29
C ASP B 566 7.53 8.95 20.19
N LEU B 567 7.64 9.48 18.98
CA LEU B 567 6.92 8.98 17.85
C LEU B 567 7.89 8.73 16.72
N THR B 568 7.80 7.55 16.13
CA THR B 568 8.60 7.20 14.97
C THR B 568 7.75 7.39 13.72
N MET B 569 8.38 7.92 12.67
CA MET B 569 7.68 8.25 11.44
C MET B 569 8.62 8.43 10.26
N SER B 570 8.05 8.58 9.07
CA SER B 570 8.84 8.84 7.86
C SER B 570 7.97 9.64 6.91
N LEU B 571 8.60 10.33 5.96
CA LEU B 571 7.83 11.04 4.94
C LEU B 571 7.27 9.98 4.01
N ASN B 572 6.02 10.14 3.59
CA ASN B 572 5.45 9.22 2.61
C ASN B 572 6.31 9.17 1.36
N SER B 573 6.91 10.32 1.01
CA SER B 573 7.72 10.40 -0.19
C SER B 573 9.10 9.77 -0.03
N LEU B 574 9.49 9.50 1.21
CA LEU B 574 10.78 8.88 1.50
C LEU B 574 10.64 7.77 2.55
N PRO B 575 10.07 6.64 2.15
CA PRO B 575 9.65 5.55 3.04
C PRO B 575 10.80 4.85 3.78
N GLY B 576 12.01 4.91 3.25
CA GLY B 576 13.11 4.18 3.86
C GLY B 576 13.89 4.97 4.90
N ASN B 577 13.45 6.19 5.19
CA ASN B 577 14.15 7.05 6.12
C ASN B 577 13.27 7.43 7.32
N ARG B 578 13.24 6.54 8.31
CA ARG B 578 12.43 6.75 9.48
C ARG B 578 13.23 7.45 10.57
N PHE B 579 12.54 8.31 11.32
CA PHE B 579 13.17 9.08 12.37
C PHE B 579 12.23 9.10 13.55
N THR B 580 12.75 9.48 14.72
CA THR B 580 11.99 9.48 15.95
C THR B 580 12.11 10.84 16.62
N LEU B 581 10.97 11.44 16.95
CA LEU B 581 10.95 12.75 17.58
C LEU B 581 10.21 12.66 18.90
N GLU B 582 10.49 13.60 19.80
CA GLU B 582 9.90 13.60 21.13
C GLU B 582 8.51 14.22 21.15
N GLY B 583 7.68 13.80 22.10
CA GLY B 583 6.32 14.30 22.18
C GLY B 583 5.88 14.60 23.61
N TYR B 584 4.61 14.30 23.88
CA TYR B 584 3.98 14.56 25.15
C TYR B 584 4.77 14.02 26.35
N THR B 585 4.88 14.84 27.38
CA THR B 585 5.45 14.39 28.63
C THR B 585 4.35 14.35 29.71
N PRO B 586 3.96 13.14 30.14
CA PRO B 586 2.96 13.11 31.22
C PRO B 586 3.51 13.78 32.48
N GLN B 587 2.72 14.65 33.11
CA GLN B 587 3.19 15.27 34.35
C GLN B 587 2.96 14.29 35.50
N ASP B 588 3.68 14.46 36.58
CA ASP B 588 3.66 13.44 37.62
C ASP B 588 2.64 13.70 38.73
N HIS B 589 1.96 14.84 38.67
CA HIS B 589 0.96 15.18 39.70
C HIS B 589 -0.36 15.54 39.08
N LEU B 590 -1.45 15.09 39.68
CA LEU B 590 -2.77 15.62 39.33
C LEU B 590 -3.70 15.78 40.54
N ASN B 591 -4.55 16.79 40.45
CA ASN B 591 -5.49 17.12 41.50
C ASN B 591 -6.89 17.14 40.93
N ARG B 592 -7.84 16.58 41.66
CA ARG B 592 -9.22 16.53 41.21
C ARG B 592 -10.19 16.86 42.32
N VAL B 593 -11.26 17.55 41.95
CA VAL B 593 -12.42 17.67 42.82
C VAL B 593 -13.62 17.22 42.01
N SER B 594 -14.56 16.58 42.70
CA SER B 594 -15.80 16.16 42.09
C SER B 594 -16.94 16.60 42.96
N LEU B 595 -17.97 17.17 42.34
CA LEU B 595 -19.19 17.52 43.04
C LEU B 595 -20.32 16.76 42.39
N GLY B 596 -21.31 16.38 43.19
CA GLY B 596 -22.45 15.65 42.68
C GLY B 596 -23.67 15.81 43.56
N PHE B 597 -24.80 15.46 42.98
CA PHE B 597 -26.04 15.46 43.73
C PHE B 597 -26.87 14.28 43.29
N SER B 598 -27.75 13.83 44.17
CA SER B 598 -28.76 12.86 43.80
C SER B 598 -30.10 13.31 44.35
N GLN B 599 -31.11 13.33 43.49
CA GLN B 599 -32.43 13.77 43.89
C GLN B 599 -33.47 12.75 43.43
N LYS B 600 -34.16 12.16 44.40
CA LYS B 600 -35.22 11.22 44.08
C LYS B 600 -36.35 11.89 43.32
N LEU B 601 -36.77 11.28 42.22
CA LEU B 601 -37.89 11.78 41.43
C LEU B 601 -39.12 10.96 41.79
N ALA B 602 -38.87 9.79 42.37
CA ALA B 602 -39.91 8.87 42.77
C ALA B 602 -39.24 7.79 43.58
N PRO B 603 -40.02 7.03 44.35
CA PRO B 603 -39.39 5.83 44.90
C PRO B 603 -38.75 5.07 43.76
N GLU B 604 -37.48 4.70 43.92
CA GLU B 604 -36.78 3.90 42.90
C GLU B 604 -36.13 4.68 41.75
N LEU B 605 -36.42 5.97 41.63
CA LEU B 605 -35.92 6.76 40.51
C LEU B 605 -35.23 8.03 40.97
N SER B 606 -33.91 8.10 40.76
CA SER B 606 -33.11 9.25 41.17
C SER B 606 -32.53 9.98 39.97
N LEU B 607 -32.54 11.30 40.05
CA LEU B 607 -31.80 12.13 39.10
C LEU B 607 -30.44 12.45 39.70
N ARG B 608 -29.39 12.31 38.91
CA ARG B 608 -28.06 12.55 39.43
C ARG B 608 -27.21 13.44 38.53
N GLY B 609 -26.41 14.30 39.15
CA GLY B 609 -25.53 15.18 38.42
C GLY B 609 -24.13 15.14 38.97
N GLY B 610 -23.14 15.38 38.12
CA GLY B 610 -21.75 15.43 38.55
C GLY B 610 -20.96 16.51 37.83
N TYR B 611 -20.03 17.12 38.55
CA TYR B 611 -19.07 18.02 37.92
C TYR B 611 -17.67 17.65 38.35
N ASN B 612 -16.77 17.53 37.39
CA ASN B 612 -15.39 17.17 37.67
C ASN B 612 -14.41 18.20 37.15
N TRP B 613 -13.36 18.41 37.94
CA TRP B 613 -12.29 19.31 37.59
C TRP B 613 -10.96 18.61 37.86
N ARG B 614 -10.17 18.39 36.80
CA ARG B 614 -8.87 17.74 36.95
C ARG B 614 -7.75 18.65 36.46
N LYS B 615 -6.72 18.80 37.28
CA LYS B 615 -5.65 19.71 36.97
C LYS B 615 -4.30 19.03 37.10
N GLY B 616 -3.56 19.02 36.00
CA GLY B 616 -2.14 18.66 36.04
C GLY B 616 -1.32 19.93 35.88
N GLU B 617 0.00 19.79 35.79
CA GLU B 617 0.82 20.97 35.60
C GLU B 617 0.60 21.62 34.24
N ASP B 618 0.30 20.80 33.22
CA ASP B 618 0.17 21.31 31.87
C ASP B 618 -1.22 21.10 31.24
N ASP B 619 -2.23 20.90 32.07
CA ASP B 619 -3.55 20.64 31.52
C ASP B 619 -4.68 20.73 32.53
N THR B 620 -5.87 20.93 32.01
CA THR B 620 -7.08 20.98 32.80
C THR B 620 -8.12 20.21 32.03
N GLN B 621 -8.79 19.28 32.72
CA GLN B 621 -9.92 18.58 32.14
C GLN B 621 -11.15 18.83 32.99
N GLN B 622 -12.29 18.95 32.32
CA GLN B 622 -13.54 19.14 33.03
C GLN B 622 -14.63 18.30 32.39
N SER B 623 -15.64 17.97 33.18
CA SER B 623 -16.76 17.21 32.67
C SER B 623 -17.96 17.42 33.57
N VAL B 624 -19.13 17.45 32.94
CA VAL B 624 -20.40 17.47 33.66
C VAL B 624 -21.25 16.31 33.15
N SER B 625 -22.08 15.77 34.05
CA SER B 625 -22.94 14.64 33.72
C SER B 625 -24.31 14.76 34.37
N LEU B 626 -25.30 14.19 33.71
CA LEU B 626 -26.64 14.04 34.24
C LEU B 626 -27.08 12.63 33.96
N ALA B 627 -27.72 12.01 34.95
CA ALA B 627 -28.12 10.61 34.83
C ALA B 627 -29.44 10.33 35.54
N LEU B 628 -30.12 9.27 35.11
CA LEU B 628 -31.25 8.75 35.84
C LEU B 628 -30.90 7.39 36.36
N SER B 629 -31.16 7.17 37.64
CA SER B 629 -30.94 5.89 38.28
C SER B 629 -32.30 5.23 38.56
N LEU B 630 -32.38 3.92 38.33
CA LEU B 630 -33.64 3.21 38.54
C LEU B 630 -33.43 1.83 39.15
N ASP B 631 -34.26 1.49 40.12
CA ASP B 631 -34.17 0.19 40.77
C ASP B 631 -35.13 -0.81 40.10
N PHE B 632 -34.60 -2.01 39.77
CA PHE B 632 -35.32 -3.03 38.99
C PHE B 632 -35.86 -4.15 39.85
#